data_8B6T
#
_entry.id   8B6T
#
_cell.length_a   46.600
_cell.length_b   64.040
_cell.length_c   172.950
_cell.angle_alpha   90.000
_cell.angle_beta   97.674
_cell.angle_gamma   90.000
#
_symmetry.space_group_name_H-M   'P 1 21 1'
#
loop_
_entity.id
_entity.type
_entity.pdbx_description
1 polymer 'Green fluorescent protein,Haloalkane dehalogenase'
2 non-polymer [9-[2-carboxy-5-[2-[2-(6-chloranylhexoxy)ethoxy]ethylcarbamoyl]phenyl]-6-(dimethylamino)xanthen-3-ylidene]-dimethyl-azanium
3 non-polymer 'CHLORIDE ION'
4 water water
#
_entity_poly.entity_id   1
_entity_poly.type   'polypeptide(L)'
_entity_poly.pdbx_seq_one_letter_code
;GKGEELFTGVVPILVELDGDVNGHKFSVSGEGEGDATYGKLTLKFICTTGKLPVPWPTLVTTL(CRO)VQCFSRYPDHMK
QHDFFKSAMPEGYVQERTIFFKDDGNYKTRAEVKFEGDTLVNRIELKGIDFKEDGNILGHKLEYNYNSHNVYIMADKQKN
GIKVNFKIRHNIEDGSVQLADHYQQNTPIGDGPVLLPDNHYLSTQSKLSKDPNEKRDHMVLLEFVRAAGITLGMDELYKI
GTGFPFDPHYVEVLGERMHYVDVGPRDGTPVLFLHGNPTSSYVWRNIIPHVAPTHRCIAPDLIGMGKSDKPDLGYFFDDH
VRFMDAFIEALGLEEVVLVIHDWGSALGFHWAKRNPERVKGIAFMEFIRPIPTWDEWPRFARRTFQAFRTTDVGRKLIID
QNVFIEGTLPMGVVRPLTEVEMDHYREPFLNPVDREPLWRFPNELPIAGEPANIVALVEEYMDWLHQSPVPKLLFWGTPG
VLIPPAEAARLAKSLPNCKAVDIGPGENLLQEDNPDLIGSEIARWLSTLEISG
;
_entity_poly.pdbx_strand_id   A,B
#
loop_
_chem_comp.id
_chem_comp.type
_chem_comp.name
_chem_comp.formula
CL non-polymer 'CHLORIDE ION' 'Cl -1'
OEH non-polymer [9-[2-carboxy-5-[2-[2-(6-chloranylhexoxy)ethoxy]ethylcarbamoyl]phenyl]-6-(dimethylamino)xanthen-3-ylidene]-dimethyl-azanium 'C35 H43 Cl N3 O6 1'
#
# COMPACT_ATOMS: atom_id res chain seq x y z
N GLY A 3 21.96 8.75 -9.05
CA GLY A 3 23.12 7.94 -8.71
C GLY A 3 22.76 6.65 -8.01
N GLU A 4 22.70 6.69 -6.68
CA GLU A 4 22.26 5.55 -5.89
C GLU A 4 20.78 5.23 -6.08
N GLU A 5 20.01 6.15 -6.67
CA GLU A 5 18.58 5.92 -6.87
C GLU A 5 18.31 4.84 -7.90
N LEU A 6 19.25 4.58 -8.80
CA LEU A 6 19.08 3.56 -9.84
C LEU A 6 19.36 2.15 -9.33
N PHE A 7 19.61 1.97 -8.04
CA PHE A 7 20.00 0.68 -7.50
C PHE A 7 19.12 0.24 -6.33
N THR A 8 17.90 0.77 -6.24
CA THR A 8 16.99 0.38 -5.16
C THR A 8 16.28 -0.93 -5.41
N GLY A 9 16.28 -1.40 -6.66
CA GLY A 9 15.63 -2.67 -6.99
C GLY A 9 16.55 -3.63 -7.71
N VAL A 10 15.96 -4.56 -8.45
CA VAL A 10 16.72 -5.53 -9.24
C VAL A 10 17.01 -4.91 -10.61
N VAL A 11 18.28 -4.89 -10.98
CA VAL A 11 18.74 -4.24 -12.21
C VAL A 11 19.21 -5.32 -13.17
N PRO A 12 18.75 -5.33 -14.42
CA PRO A 12 19.28 -6.29 -15.39
C PRO A 12 20.69 -5.93 -15.83
N ILE A 13 21.51 -6.96 -16.04
CA ILE A 13 22.92 -6.80 -16.35
C ILE A 13 23.22 -7.46 -17.69
N LEU A 14 24.16 -6.87 -18.43
CA LEU A 14 24.66 -7.43 -19.68
C LEU A 14 26.17 -7.24 -19.72
N VAL A 15 26.91 -8.31 -20.02
CA VAL A 15 28.37 -8.29 -20.05
C VAL A 15 28.83 -8.85 -21.39
N GLU A 16 29.76 -8.15 -22.04
CA GLU A 16 30.36 -8.60 -23.29
C GLU A 16 31.85 -8.26 -23.27
N LEU A 17 32.68 -9.27 -23.50
CA LEU A 17 34.13 -9.13 -23.43
C LEU A 17 34.77 -9.64 -24.72
N ASP A 18 35.81 -8.95 -25.16
CA ASP A 18 36.63 -9.37 -26.29
C ASP A 18 38.09 -9.45 -25.81
N GLY A 19 38.68 -10.64 -25.92
CA GLY A 19 39.98 -10.88 -25.34
C GLY A 19 40.95 -11.47 -26.35
N ASP A 20 42.23 -11.40 -25.99
CA ASP A 20 43.31 -11.97 -26.79
C ASP A 20 44.41 -12.38 -25.82
N VAL A 21 44.63 -13.68 -25.68
CA VAL A 21 45.61 -14.22 -24.73
C VAL A 21 46.55 -15.14 -25.50
N ASN A 22 47.82 -14.75 -25.59
CA ASN A 22 48.84 -15.51 -26.31
C ASN A 22 48.40 -15.83 -27.73
N GLY A 23 47.87 -14.81 -28.42
CA GLY A 23 47.39 -14.96 -29.77
C GLY A 23 46.04 -15.63 -29.91
N HIS A 24 45.48 -16.16 -28.83
CA HIS A 24 44.17 -16.80 -28.86
C HIS A 24 43.11 -15.73 -28.65
N LYS A 25 42.24 -15.56 -29.65
CA LYS A 25 41.16 -14.59 -29.58
C LYS A 25 39.86 -15.29 -29.18
N PHE A 26 39.05 -14.61 -28.39
CA PHE A 26 37.80 -15.19 -27.91
C PHE A 26 36.87 -14.06 -27.49
N SER A 27 35.58 -14.40 -27.37
CA SER A 27 34.58 -13.46 -26.90
C SER A 27 33.68 -14.17 -25.91
N VAL A 28 33.14 -13.39 -24.97
CA VAL A 28 32.26 -13.90 -23.92
C VAL A 28 31.05 -12.98 -23.80
N SER A 29 29.86 -13.56 -23.71
CA SER A 29 28.64 -12.82 -23.44
C SER A 29 28.08 -13.28 -22.11
N GLY A 30 27.43 -12.36 -21.39
CA GLY A 30 26.84 -12.66 -20.10
C GLY A 30 25.66 -11.76 -19.83
N GLU A 31 24.72 -12.27 -19.05
CA GLU A 31 23.54 -11.49 -18.66
C GLU A 31 22.98 -12.07 -17.38
N GLY A 32 22.23 -11.22 -16.66
CA GLY A 32 21.65 -11.62 -15.40
C GLY A 32 20.98 -10.46 -14.71
N GLU A 33 21.08 -10.40 -13.38
CA GLU A 33 20.43 -9.36 -12.63
C GLU A 33 21.21 -9.09 -11.35
N GLY A 34 21.21 -7.84 -10.92
CA GLY A 34 21.90 -7.44 -9.71
C GLY A 34 20.92 -6.86 -8.71
N ASP A 35 21.24 -7.02 -7.42
CA ASP A 35 20.43 -6.48 -6.34
C ASP A 35 21.40 -5.97 -5.27
N ALA A 36 21.70 -4.67 -5.33
CA ALA A 36 22.66 -4.09 -4.40
C ALA A 36 22.18 -4.13 -2.95
N THR A 37 20.88 -4.30 -2.73
CA THR A 37 20.36 -4.39 -1.37
C THR A 37 21.00 -5.54 -0.60
N TYR A 38 21.28 -6.64 -1.30
CA TYR A 38 22.00 -7.77 -0.72
C TYR A 38 23.45 -7.84 -1.20
N GLY A 39 23.87 -6.94 -2.08
CA GLY A 39 25.17 -7.04 -2.70
C GLY A 39 25.29 -8.21 -3.64
N LYS A 40 24.19 -8.57 -4.30
CA LYS A 40 24.04 -9.86 -4.97
C LYS A 40 24.17 -9.73 -6.48
N LEU A 41 24.78 -10.75 -7.10
CA LEU A 41 24.88 -10.86 -8.54
C LEU A 41 24.54 -12.29 -8.95
N THR A 42 23.65 -12.42 -9.93
CA THR A 42 23.36 -13.70 -10.57
C THR A 42 23.58 -13.53 -12.07
N LEU A 43 24.50 -14.32 -12.62
CA LEU A 43 24.86 -14.17 -14.02
C LEU A 43 25.23 -15.53 -14.62
N LYS A 44 25.11 -15.61 -15.95
CA LYS A 44 25.60 -16.73 -16.73
C LYS A 44 26.38 -16.20 -17.90
N PHE A 45 27.64 -16.62 -18.03
CA PHE A 45 28.51 -16.20 -19.12
C PHE A 45 28.74 -17.37 -20.07
N ILE A 46 28.70 -17.10 -21.37
CA ILE A 46 28.99 -18.11 -22.38
C ILE A 46 30.11 -17.59 -23.26
N CYS A 47 30.91 -18.52 -23.78
CA CYS A 47 31.93 -18.20 -24.77
C CYS A 47 31.30 -18.29 -26.16
N THR A 48 31.27 -17.17 -26.88
CA THR A 48 30.58 -17.07 -28.16
C THR A 48 31.46 -17.44 -29.35
N THR A 49 32.73 -17.76 -29.12
CA THR A 49 33.65 -18.11 -30.20
C THR A 49 34.06 -19.57 -30.18
N GLY A 50 33.62 -20.34 -29.19
CA GLY A 50 34.01 -21.72 -29.04
C GLY A 50 34.30 -22.06 -27.60
N LYS A 51 35.40 -22.77 -27.35
CA LYS A 51 35.84 -23.02 -25.99
C LYS A 51 36.79 -21.92 -25.54
N LEU A 52 36.77 -21.66 -24.24
CA LEU A 52 37.61 -20.62 -23.68
C LEU A 52 39.06 -21.08 -23.68
N PRO A 53 39.99 -20.29 -24.21
CA PRO A 53 41.42 -20.67 -24.15
C PRO A 53 42.05 -20.45 -22.79
N VAL A 54 41.32 -19.92 -21.82
CA VAL A 54 41.80 -19.72 -20.46
C VAL A 54 40.76 -20.25 -19.51
N PRO A 55 41.16 -20.62 -18.29
CA PRO A 55 40.17 -21.09 -17.30
C PRO A 55 39.19 -19.97 -16.93
N TRP A 56 37.94 -20.36 -16.70
CA TRP A 56 36.92 -19.38 -16.34
C TRP A 56 37.24 -18.60 -15.07
N PRO A 57 37.81 -19.18 -14.00
CA PRO A 57 38.11 -18.36 -12.81
C PRO A 57 38.99 -17.16 -13.09
N THR A 58 39.86 -17.21 -14.10
CA THR A 58 40.74 -16.08 -14.38
C THR A 58 39.97 -14.86 -14.88
N LEU A 59 38.73 -15.03 -15.35
CA LEU A 59 37.96 -13.94 -15.92
C LEU A 59 36.93 -13.36 -14.95
N VAL A 60 36.82 -13.91 -13.74
CA VAL A 60 35.75 -13.50 -12.83
C VAL A 60 35.85 -12.02 -12.49
N THR A 61 37.04 -11.57 -12.10
CA THR A 61 37.21 -10.18 -11.69
C THR A 61 37.04 -9.21 -12.86
N THR A 62 37.39 -9.65 -14.07
CA THR A 62 37.20 -8.79 -15.23
C THR A 62 35.74 -8.70 -15.62
N LEU A 63 35.03 -9.83 -15.61
CA LEU A 63 33.61 -9.87 -15.92
C LEU A 63 32.80 -9.27 -14.78
N1 CRO A 64 33.11 -9.49 -13.40
CA1 CRO A 64 32.56 -8.95 -12.15
CB1 CRO A 64 32.07 -10.08 -11.25
CG1 CRO A 64 30.68 -10.50 -11.74
OG1 CRO A 64 32.94 -11.18 -11.31
C1 CRO A 64 33.60 -8.03 -11.46
N2 CRO A 64 34.38 -8.33 -10.32
N3 CRO A 64 33.80 -6.75 -11.98
C2 CRO A 64 34.83 -6.09 -11.14
O2 CRO A 64 35.27 -5.00 -11.25
CA2 CRO A 64 35.21 -7.17 -10.02
CA3 CRO A 64 33.13 -6.18 -13.16
C3 CRO A 64 32.78 -4.71 -12.90
O3 CRO A 64 32.62 -3.93 -13.87
CB2 CRO A 64 35.84 -7.68 -8.93
CG2 CRO A 64 35.84 -9.02 -8.13
CD1 CRO A 64 35.07 -10.17 -8.30
CD2 CRO A 64 36.77 -9.00 -7.10
CE1 CRO A 64 35.24 -11.27 -7.44
CE2 CRO A 64 36.95 -10.08 -6.25
CZ CRO A 64 36.19 -11.21 -6.41
OH CRO A 64 36.39 -12.30 -5.54
N VAL A 65 31.53 -4.90 -12.22
CA VAL A 65 30.28 -4.22 -11.92
C VAL A 65 30.13 -4.02 -10.42
N GLN A 66 31.17 -3.47 -9.80
CA GLN A 66 31.21 -3.32 -8.34
C GLN A 66 30.21 -2.29 -7.82
N CYS A 67 29.35 -1.74 -8.70
CA CYS A 67 28.28 -0.86 -8.26
C CYS A 67 27.13 -1.61 -7.59
N PHE A 68 27.11 -2.94 -7.69
CA PHE A 68 26.13 -3.75 -7.00
C PHE A 68 26.62 -4.22 -5.64
N SER A 69 27.77 -3.73 -5.17
CA SER A 69 28.20 -3.98 -3.81
C SER A 69 27.21 -3.33 -2.83
N ARG A 70 27.04 -3.96 -1.68
CA ARG A 70 26.15 -3.43 -0.65
C ARG A 70 26.95 -2.47 0.24
N TYR A 71 26.69 -1.17 0.10
CA TYR A 71 27.26 -0.18 0.98
C TYR A 71 26.30 0.09 2.13
N PRO A 72 26.65 -0.23 3.36
CA PRO A 72 25.76 0.08 4.49
C PRO A 72 25.51 1.58 4.59
N ASP A 73 24.42 1.93 5.29
CA ASP A 73 23.95 3.30 5.29
C ASP A 73 25.00 4.25 5.87
N HIS A 74 25.76 3.80 6.86
CA HIS A 74 26.72 4.67 7.52
C HIS A 74 27.98 4.93 6.70
N MET A 75 28.11 4.30 5.53
CA MET A 75 29.20 4.62 4.61
C MET A 75 28.69 4.75 3.18
N LYS A 76 27.43 5.17 3.02
CA LYS A 76 26.88 5.43 1.70
C LYS A 76 27.52 6.64 1.02
N GLN A 77 28.26 7.47 1.75
CA GLN A 77 28.99 8.57 1.15
C GLN A 77 30.34 8.15 0.60
N HIS A 78 30.68 6.86 0.69
CA HIS A 78 31.92 6.34 0.15
C HIS A 78 31.69 5.41 -1.04
N ASP A 79 30.49 5.43 -1.62
CA ASP A 79 30.15 4.56 -2.75
C ASP A 79 30.41 5.34 -4.04
N PHE A 80 31.65 5.29 -4.51
CA PHE A 80 32.01 5.99 -5.74
C PHE A 80 31.28 5.40 -6.94
N PHE A 81 31.08 4.08 -6.95
CA PHE A 81 30.60 3.39 -8.14
C PHE A 81 29.18 3.81 -8.51
N LYS A 82 28.29 3.92 -7.52
CA LYS A 82 26.92 4.30 -7.81
C LYS A 82 26.81 5.78 -8.17
N SER A 83 27.57 6.64 -7.50
CA SER A 83 27.50 8.08 -7.77
C SER A 83 28.01 8.44 -9.15
N ALA A 84 28.69 7.52 -9.85
CA ALA A 84 29.13 7.75 -11.21
C ALA A 84 28.04 7.43 -12.24
N MET A 85 26.98 6.74 -11.84
CA MET A 85 25.90 6.37 -12.75
C MET A 85 24.93 7.55 -12.91
N PRO A 86 24.20 7.61 -14.04
CA PRO A 86 24.14 6.66 -15.15
C PRO A 86 25.27 6.77 -16.18
N GLU A 87 26.01 7.88 -16.18
CA GLU A 87 27.10 8.05 -17.13
C GLU A 87 28.13 6.94 -16.99
N GLY A 88 28.39 6.51 -15.77
CA GLY A 88 29.30 5.40 -15.54
C GLY A 88 30.73 5.84 -15.36
N TYR A 89 31.61 4.85 -15.40
CA TYR A 89 33.04 5.07 -15.18
C TYR A 89 33.84 4.14 -16.08
N VAL A 90 35.11 4.48 -16.25
CA VAL A 90 36.08 3.63 -16.94
C VAL A 90 36.84 2.83 -15.89
N GLN A 91 36.95 1.53 -16.10
CA GLN A 91 37.68 0.65 -15.20
C GLN A 91 38.85 0.02 -15.95
N GLU A 92 40.04 0.14 -15.38
CA GLU A 92 41.25 -0.38 -15.99
C GLU A 92 42.01 -1.23 -14.97
N ARG A 93 42.60 -2.33 -15.44
CA ARG A 93 43.31 -3.24 -14.56
C ARG A 93 44.56 -3.76 -15.23
N THR A 94 45.52 -4.17 -14.39
CA THR A 94 46.65 -5.00 -14.81
C THR A 94 46.76 -6.11 -13.76
N ILE A 95 46.51 -7.34 -14.19
CA ILE A 95 46.47 -8.49 -13.30
C ILE A 95 47.75 -9.29 -13.49
N PHE A 96 48.57 -9.37 -12.45
CA PHE A 96 49.85 -10.08 -12.52
C PHE A 96 49.68 -11.47 -11.95
N PHE A 97 49.62 -12.47 -12.83
CA PHE A 97 49.65 -13.86 -12.39
C PHE A 97 51.07 -14.21 -11.95
N LYS A 98 51.22 -14.68 -10.73
CA LYS A 98 52.54 -14.94 -10.16
C LYS A 98 53.25 -16.01 -10.97
N ASP A 99 54.45 -15.67 -11.46
CA ASP A 99 55.29 -16.57 -12.24
C ASP A 99 54.58 -17.03 -13.52
N ASP A 100 53.79 -16.14 -14.11
CA ASP A 100 53.14 -16.42 -15.38
C ASP A 100 52.83 -15.08 -16.05
N GLY A 101 51.86 -15.07 -16.97
CA GLY A 101 51.55 -13.89 -17.75
C GLY A 101 50.76 -12.86 -16.97
N ASN A 102 50.19 -11.92 -17.71
CA ASN A 102 49.40 -10.86 -17.10
C ASN A 102 48.27 -10.45 -18.05
N TYR A 103 47.14 -10.07 -17.46
CA TYR A 103 46.01 -9.51 -18.20
C TYR A 103 46.04 -7.99 -18.10
N LYS A 104 45.65 -7.32 -19.18
CA LYS A 104 45.47 -5.87 -19.20
C LYS A 104 44.08 -5.58 -19.75
N THR A 105 43.22 -5.01 -18.92
CA THR A 105 41.82 -4.81 -19.27
C THR A 105 41.45 -3.33 -19.21
N ARG A 106 40.48 -2.96 -20.05
CA ARG A 106 39.88 -1.63 -20.04
C ARG A 106 38.39 -1.78 -20.31
N ALA A 107 37.56 -1.20 -19.44
CA ALA A 107 36.13 -1.43 -19.52
C ALA A 107 35.37 -0.13 -19.25
N GLU A 108 34.14 -0.08 -19.77
CA GLU A 108 33.19 0.99 -19.48
C GLU A 108 31.96 0.38 -18.84
N VAL A 109 31.68 0.77 -17.61
CA VAL A 109 30.50 0.32 -16.87
C VAL A 109 29.52 1.48 -16.85
N LYS A 110 28.45 1.37 -17.64
CA LYS A 110 27.51 2.47 -17.79
C LYS A 110 26.10 1.93 -17.94
N PHE A 111 25.12 2.81 -17.83
CA PHE A 111 23.73 2.48 -18.11
C PHE A 111 23.45 2.70 -19.60
N GLU A 112 22.89 1.68 -20.24
CA GLU A 112 22.43 1.76 -21.62
C GLU A 112 20.98 1.32 -21.65
N GLY A 113 20.08 2.28 -21.85
CA GLY A 113 18.67 2.00 -21.66
C GLY A 113 18.36 1.78 -20.20
N ASP A 114 17.82 0.60 -19.86
CA ASP A 114 17.55 0.24 -18.49
C ASP A 114 18.55 -0.77 -17.94
N THR A 115 19.57 -1.13 -18.71
CA THR A 115 20.52 -2.18 -18.36
C THR A 115 21.86 -1.58 -17.98
N LEU A 116 22.43 -2.08 -16.89
CA LEU A 116 23.81 -1.77 -16.53
C LEU A 116 24.71 -2.72 -17.30
N VAL A 117 25.41 -2.20 -18.31
CA VAL A 117 26.21 -3.03 -19.19
C VAL A 117 27.68 -2.82 -18.90
N ASN A 118 28.46 -3.89 -19.04
CA ASN A 118 29.89 -3.90 -18.77
C ASN A 118 30.60 -4.42 -20.01
N ARG A 119 31.14 -3.50 -20.82
CA ARG A 119 31.86 -3.84 -22.04
C ARG A 119 33.36 -3.74 -21.79
N ILE A 120 34.09 -4.82 -22.08
CA ILE A 120 35.50 -4.93 -21.71
C ILE A 120 36.33 -5.34 -22.91
N GLU A 121 37.58 -4.90 -22.92
CA GLU A 121 38.63 -5.43 -23.78
C GLU A 121 39.70 -6.05 -22.89
N LEU A 122 40.21 -7.22 -23.29
CA LEU A 122 41.24 -7.92 -22.54
C LEU A 122 42.39 -8.29 -23.45
N LYS A 123 43.59 -8.29 -22.88
CA LYS A 123 44.82 -8.60 -23.63
C LYS A 123 45.80 -9.25 -22.67
N GLY A 124 46.19 -10.48 -22.99
CA GLY A 124 47.12 -11.23 -22.17
C GLY A 124 48.37 -11.58 -22.95
N ILE A 125 49.53 -11.47 -22.29
CA ILE A 125 50.82 -11.72 -22.92
C ILE A 125 51.73 -12.42 -21.92
N ASP A 126 52.83 -12.98 -22.44
CA ASP A 126 53.91 -13.55 -21.65
C ASP A 126 53.45 -14.75 -20.83
N PHE A 127 52.47 -15.50 -21.33
CA PHE A 127 51.95 -16.67 -20.63
C PHE A 127 52.68 -17.92 -21.10
N LYS A 128 53.15 -18.72 -20.14
CA LYS A 128 53.76 -19.99 -20.47
C LYS A 128 52.73 -20.95 -21.05
N GLU A 129 53.15 -21.73 -22.05
CA GLU A 129 52.21 -22.68 -22.67
C GLU A 129 51.84 -23.81 -21.71
N ASP A 130 52.69 -24.12 -20.75
CA ASP A 130 52.47 -25.21 -19.80
C ASP A 130 52.11 -24.70 -18.40
N GLY A 131 51.66 -23.46 -18.28
CA GLY A 131 51.38 -22.88 -16.99
C GLY A 131 50.01 -23.24 -16.45
N ASN A 132 49.70 -22.67 -15.29
CA ASN A 132 48.39 -22.91 -14.68
C ASN A 132 47.25 -22.34 -15.51
N ILE A 133 47.52 -21.28 -16.28
CA ILE A 133 46.47 -20.64 -17.06
C ILE A 133 46.26 -21.37 -18.37
N LEU A 134 47.28 -21.39 -19.24
CA LEU A 134 47.12 -22.04 -20.54
C LEU A 134 47.00 -23.55 -20.41
N GLY A 135 47.61 -24.13 -19.38
CA GLY A 135 47.48 -25.55 -19.13
C GLY A 135 46.19 -25.97 -18.48
N HIS A 136 45.35 -25.02 -18.08
CA HIS A 136 44.05 -25.29 -17.46
C HIS A 136 44.20 -26.17 -16.22
N LYS A 137 45.06 -25.72 -15.29
CA LYS A 137 45.26 -26.40 -14.01
C LYS A 137 44.45 -25.77 -12.90
N LEU A 138 43.60 -24.79 -13.19
CA LEU A 138 42.79 -24.14 -12.18
C LEU A 138 41.55 -24.97 -11.88
N GLU A 139 41.25 -25.10 -10.59
CA GLU A 139 40.01 -25.74 -10.16
C GLU A 139 38.84 -24.77 -10.37
N TYR A 140 37.69 -25.35 -10.71
CA TYR A 140 36.49 -24.56 -11.02
C TYR A 140 35.81 -24.15 -9.72
N ASN A 141 36.46 -23.22 -9.01
CA ASN A 141 35.92 -22.66 -7.79
C ASN A 141 36.48 -21.25 -7.62
N TYR A 142 36.13 -20.60 -6.51
CA TYR A 142 36.58 -19.24 -6.26
C TYR A 142 36.61 -18.99 -4.76
N ASN A 143 37.49 -18.09 -4.35
CA ASN A 143 37.72 -17.79 -2.93
C ASN A 143 37.10 -16.43 -2.57
N SER A 144 37.18 -16.12 -1.28
CA SER A 144 36.69 -14.88 -0.72
C SER A 144 37.85 -13.93 -0.48
N HIS A 145 37.73 -12.69 -0.93
CA HIS A 145 38.84 -11.75 -0.93
C HIS A 145 38.41 -10.42 -0.33
N ASN A 146 39.41 -9.59 -0.06
CA ASN A 146 39.21 -8.22 0.42
C ASN A 146 39.74 -7.27 -0.66
N VAL A 147 38.85 -6.40 -1.15
CA VAL A 147 39.16 -5.49 -2.25
C VAL A 147 39.36 -4.10 -1.66
N TYR A 148 40.60 -3.60 -1.68
CA TYR A 148 40.95 -2.37 -0.98
C TYR A 148 40.80 -1.16 -1.90
N ILE A 149 40.11 -0.14 -1.40
CA ILE A 149 39.76 1.05 -2.17
C ILE A 149 40.32 2.29 -1.47
N MET A 150 40.85 3.22 -2.26
CA MET A 150 41.25 4.52 -1.76
C MET A 150 41.05 5.54 -2.86
N ALA A 151 40.94 6.80 -2.46
CA ALA A 151 40.64 7.88 -3.40
C ALA A 151 41.86 8.26 -4.21
N ASP A 152 41.62 8.71 -5.44
CA ASP A 152 42.65 9.22 -6.33
C ASP A 152 42.16 10.58 -6.82
N LYS A 153 42.28 11.59 -5.96
CA LYS A 153 41.69 12.90 -6.22
C LYS A 153 42.32 13.63 -7.41
N GLN A 154 43.48 13.17 -7.88
CA GLN A 154 44.07 13.78 -9.07
C GLN A 154 43.18 13.54 -10.30
N LYS A 155 42.86 12.29 -10.58
CA LYS A 155 42.05 11.92 -11.72
C LYS A 155 40.56 11.93 -11.42
N ASN A 156 40.16 12.43 -10.25
CA ASN A 156 38.76 12.39 -9.80
C ASN A 156 38.23 10.97 -9.74
N GLY A 157 39.11 10.01 -9.43
CA GLY A 157 38.72 8.62 -9.38
C GLY A 157 39.25 7.89 -8.16
N ILE A 158 39.40 6.56 -8.28
CA ILE A 158 39.84 5.73 -7.17
C ILE A 158 40.94 4.79 -7.65
N LYS A 159 41.71 4.29 -6.69
CA LYS A 159 42.74 3.28 -6.90
C LYS A 159 42.40 2.05 -6.07
N VAL A 160 42.39 0.89 -6.72
CA VAL A 160 41.95 -0.36 -6.10
C VAL A 160 43.07 -1.41 -6.20
N ASN A 161 43.28 -2.14 -5.12
CA ASN A 161 44.32 -3.17 -5.05
C ASN A 161 43.81 -4.37 -4.26
N PHE A 162 44.15 -5.57 -4.73
CA PHE A 162 43.81 -6.81 -4.05
C PHE A 162 44.53 -7.95 -4.75
N LYS A 163 44.56 -9.10 -4.10
CA LYS A 163 45.23 -10.29 -4.63
C LYS A 163 44.26 -11.47 -4.62
N ILE A 164 43.94 -11.97 -5.81
CA ILE A 164 43.05 -13.11 -5.95
C ILE A 164 43.84 -14.40 -5.74
N ARG A 165 43.24 -15.35 -5.02
CA ARG A 165 43.84 -16.65 -4.78
C ARG A 165 43.08 -17.69 -5.60
N HIS A 166 43.71 -18.20 -6.65
CA HIS A 166 43.14 -19.24 -7.50
C HIS A 166 43.64 -20.59 -7.05
N ASN A 167 42.72 -21.49 -6.73
CA ASN A 167 43.10 -22.85 -6.33
C ASN A 167 43.58 -23.64 -7.53
N ILE A 168 44.77 -24.23 -7.41
CA ILE A 168 45.34 -25.08 -8.44
C ILE A 168 45.06 -26.53 -8.08
N GLU A 169 44.89 -27.37 -9.11
CA GLU A 169 44.42 -28.73 -8.89
C GLU A 169 45.40 -29.58 -8.10
N ASP A 170 46.67 -29.20 -8.06
CA ASP A 170 47.66 -29.94 -7.28
C ASP A 170 47.74 -29.47 -5.84
N GLY A 171 46.79 -28.65 -5.39
CA GLY A 171 46.78 -28.15 -4.04
C GLY A 171 47.46 -26.82 -3.83
N SER A 172 48.27 -26.36 -4.79
CA SER A 172 48.94 -25.08 -4.67
C SER A 172 47.95 -23.94 -4.96
N VAL A 173 48.43 -22.72 -4.76
CA VAL A 173 47.65 -21.52 -4.98
C VAL A 173 48.36 -20.64 -6.00
N GLN A 174 47.62 -20.16 -6.98
CA GLN A 174 48.12 -19.22 -7.98
C GLN A 174 47.66 -17.82 -7.59
N LEU A 175 48.62 -16.89 -7.43
CA LEU A 175 48.31 -15.52 -7.07
C LEU A 175 48.18 -14.66 -8.31
N ALA A 176 47.17 -13.78 -8.31
CA ALA A 176 46.90 -12.86 -9.40
C ALA A 176 46.77 -11.46 -8.79
N ASP A 177 47.88 -10.72 -8.80
CA ASP A 177 47.91 -9.40 -8.18
C ASP A 177 47.14 -8.41 -9.05
N HIS A 178 46.16 -7.72 -8.43
CA HIS A 178 45.27 -6.82 -9.15
C HIS A 178 45.64 -5.38 -8.88
N TYR A 179 45.73 -4.59 -9.95
CA TYR A 179 46.00 -3.16 -9.88
C TYR A 179 44.95 -2.45 -10.73
N GLN A 180 44.01 -1.78 -10.06
CA GLN A 180 42.78 -1.31 -10.68
C GLN A 180 42.67 0.20 -10.57
N GLN A 181 41.91 0.79 -11.50
CA GLN A 181 41.75 2.23 -11.59
C GLN A 181 40.37 2.54 -12.16
N ASN A 182 39.63 3.42 -11.49
CA ASN A 182 38.29 3.80 -11.93
C ASN A 182 38.18 5.32 -11.97
N THR A 183 37.82 5.87 -13.12
CA THR A 183 37.53 7.29 -13.28
C THR A 183 36.18 7.47 -13.96
N PRO A 184 35.40 8.47 -13.57
CA PRO A 184 34.05 8.61 -14.13
C PRO A 184 34.06 9.09 -15.57
N ILE A 185 32.97 8.78 -16.27
CA ILE A 185 32.80 9.16 -17.66
C ILE A 185 32.21 10.56 -17.79
N GLY A 186 31.19 10.87 -17.00
CA GLY A 186 30.60 12.21 -17.01
C GLY A 186 31.34 13.15 -16.07
N ASP A 187 31.27 14.44 -16.38
CA ASP A 187 31.98 15.43 -15.59
C ASP A 187 31.26 15.80 -14.30
N GLY A 188 30.03 15.32 -14.10
CA GLY A 188 29.32 15.55 -12.87
C GLY A 188 30.12 15.04 -11.68
N PRO A 189 30.12 15.80 -10.59
CA PRO A 189 30.90 15.39 -9.41
C PRO A 189 30.44 14.03 -8.88
N VAL A 190 31.39 13.32 -8.28
CA VAL A 190 31.12 11.99 -7.73
C VAL A 190 31.60 11.95 -6.29
N LEU A 191 31.59 10.77 -5.68
CA LEU A 191 32.03 10.59 -4.31
C LEU A 191 33.44 10.00 -4.32
N LEU A 192 34.37 10.68 -3.65
CA LEU A 192 35.73 10.16 -3.53
C LEU A 192 35.90 9.63 -2.12
N PRO A 193 35.99 8.32 -1.94
CA PRO A 193 35.79 7.73 -0.60
C PRO A 193 37.03 7.81 0.28
N ASP A 194 36.80 7.62 1.57
CA ASP A 194 37.87 7.28 2.49
C ASP A 194 38.35 5.85 2.21
N ASN A 195 39.42 5.47 2.89
CA ASN A 195 39.95 4.12 2.74
C ASN A 195 38.99 3.11 3.35
N HIS A 196 38.49 2.20 2.50
CA HIS A 196 37.65 1.10 2.96
C HIS A 196 37.95 -0.11 2.08
N TYR A 197 37.19 -1.19 2.29
CA TYR A 197 37.37 -2.38 1.50
C TYR A 197 36.04 -3.07 1.28
N LEU A 198 36.02 -3.97 0.29
CA LEU A 198 34.86 -4.77 -0.04
C LEU A 198 35.15 -6.23 0.27
N SER A 199 34.23 -6.88 0.98
CA SER A 199 34.33 -8.31 1.28
C SER A 199 33.52 -9.08 0.26
N THR A 200 34.19 -9.97 -0.48
CA THR A 200 33.60 -10.66 -1.61
C THR A 200 33.49 -12.15 -1.34
N GLN A 201 32.58 -12.79 -2.07
CA GLN A 201 32.41 -14.24 -2.05
C GLN A 201 31.73 -14.65 -3.34
N SER A 202 32.19 -15.75 -3.93
CA SER A 202 31.73 -16.17 -5.26
C SER A 202 31.55 -17.67 -5.29
N LYS A 203 30.53 -18.12 -6.06
CA LYS A 203 30.24 -19.52 -6.24
C LYS A 203 30.07 -19.79 -7.73
N LEU A 204 30.90 -20.69 -8.27
CA LEU A 204 30.87 -21.05 -9.68
C LEU A 204 30.12 -22.36 -9.86
N SER A 205 29.26 -22.41 -10.88
CA SER A 205 28.46 -23.60 -11.16
C SER A 205 28.19 -23.67 -12.65
N LYS A 206 27.48 -24.72 -13.07
CA LYS A 206 27.16 -24.96 -14.46
C LYS A 206 25.66 -25.17 -14.63
N ASP A 207 25.17 -24.82 -15.81
CA ASP A 207 23.78 -25.09 -16.18
C ASP A 207 23.71 -26.47 -16.84
N PRO A 208 22.96 -27.43 -16.26
CA PRO A 208 22.95 -28.79 -16.83
C PRO A 208 22.33 -28.87 -18.21
N ASN A 209 21.64 -27.83 -18.68
CA ASN A 209 21.05 -27.84 -20.01
C ASN A 209 21.84 -27.00 -21.02
N GLU A 210 22.87 -26.28 -20.57
CA GLU A 210 23.67 -25.47 -21.48
C GLU A 210 24.68 -26.34 -22.20
N LYS A 211 24.71 -26.25 -23.53
CA LYS A 211 25.63 -27.04 -24.33
C LYS A 211 26.95 -26.32 -24.61
N ARG A 212 26.94 -24.99 -24.56
CA ARG A 212 28.13 -24.21 -24.89
C ARG A 212 29.02 -24.02 -23.66
N ASP A 213 30.29 -23.72 -23.93
CA ASP A 213 31.23 -23.41 -22.86
C ASP A 213 30.74 -22.21 -22.07
N HIS A 214 30.55 -22.39 -20.76
CA HIS A 214 29.83 -21.38 -19.99
C HIS A 214 30.31 -21.35 -18.55
N MET A 215 29.80 -20.37 -17.81
CA MET A 215 30.03 -20.22 -16.38
C MET A 215 28.82 -19.54 -15.75
N VAL A 216 28.30 -20.14 -14.68
CA VAL A 216 27.23 -19.53 -13.88
C VAL A 216 27.86 -19.00 -12.60
N LEU A 217 27.48 -17.78 -12.21
CA LEU A 217 28.12 -17.09 -11.10
C LEU A 217 27.09 -16.55 -10.13
N LEU A 218 27.37 -16.73 -8.84
CA LEU A 218 26.60 -16.14 -7.75
C LEU A 218 27.58 -15.44 -6.83
N GLU A 219 27.36 -14.15 -6.59
CA GLU A 219 28.34 -13.33 -5.89
C GLU A 219 27.64 -12.43 -4.86
N PHE A 220 28.37 -12.15 -3.77
CA PHE A 220 27.90 -11.24 -2.73
C PHE A 220 29.07 -10.38 -2.27
N VAL A 221 28.87 -9.06 -2.28
CA VAL A 221 29.91 -8.10 -1.91
C VAL A 221 29.34 -7.12 -0.89
N ARG A 222 30.13 -6.80 0.14
CA ARG A 222 29.71 -5.90 1.20
C ARG A 222 30.87 -4.99 1.56
N ALA A 223 30.65 -3.68 1.50
CA ALA A 223 31.66 -2.71 1.91
C ALA A 223 31.80 -2.72 3.43
N ALA A 224 33.02 -2.43 3.89
CA ALA A 224 33.32 -2.44 5.32
C ALA A 224 34.59 -1.64 5.56
N GLY A 225 34.99 -1.55 6.82
CA GLY A 225 36.24 -0.92 7.19
C GLY A 225 36.17 0.55 7.54
N ILE A 226 34.99 1.09 7.82
CA ILE A 226 34.82 2.49 8.18
C ILE A 226 33.78 2.55 9.31
N THR A 227 34.23 2.86 10.52
CA THR A 227 33.33 2.96 11.67
C THR A 227 33.25 4.39 12.17
N ILE A 236 37.11 -8.77 15.65
CA ILE A 236 36.12 -9.59 16.35
C ILE A 236 36.50 -11.07 16.26
N GLY A 237 36.78 -11.67 17.41
CA GLY A 237 37.23 -13.06 17.42
C GLY A 237 36.16 -14.01 16.92
N THR A 238 36.62 -15.06 16.25
CA THR A 238 35.75 -16.09 15.70
C THR A 238 35.75 -17.37 16.52
N GLY A 239 36.57 -17.45 17.56
CA GLY A 239 36.68 -18.68 18.32
C GLY A 239 35.57 -18.85 19.34
N PHE A 240 35.43 -20.10 19.77
CA PHE A 240 34.46 -20.48 20.81
C PHE A 240 35.17 -21.41 21.77
N PRO A 241 36.01 -20.86 22.66
CA PRO A 241 36.90 -21.69 23.48
C PRO A 241 36.25 -22.34 24.69
N PHE A 242 34.93 -22.29 24.81
CA PHE A 242 34.26 -22.71 26.03
C PHE A 242 34.11 -24.23 26.09
N ASP A 243 34.36 -24.78 27.27
CA ASP A 243 34.16 -26.22 27.48
C ASP A 243 32.68 -26.56 27.40
N PRO A 244 32.32 -27.65 26.71
CA PRO A 244 30.90 -28.00 26.57
C PRO A 244 30.36 -28.65 27.83
N HIS A 245 29.21 -28.16 28.28
CA HIS A 245 28.49 -28.73 29.41
C HIS A 245 27.13 -29.23 28.93
N TYR A 246 26.63 -30.26 29.61
CA TYR A 246 25.35 -30.85 29.27
C TYR A 246 24.55 -31.15 30.52
N VAL A 247 23.25 -30.91 30.46
CA VAL A 247 22.33 -31.30 31.53
C VAL A 247 21.10 -31.92 30.88
N GLU A 248 20.55 -32.95 31.53
CA GLU A 248 19.35 -33.61 31.03
C GLU A 248 18.12 -32.80 31.41
N VAL A 249 17.29 -32.49 30.43
CA VAL A 249 16.12 -31.64 30.61
C VAL A 249 14.95 -32.29 29.88
N LEU A 250 13.98 -32.82 30.63
CA LEU A 250 12.79 -33.45 30.06
C LEU A 250 13.15 -34.59 29.11
N GLY A 251 14.10 -35.42 29.54
CA GLY A 251 14.59 -36.51 28.73
C GLY A 251 15.49 -36.11 27.58
N GLU A 252 15.76 -34.82 27.40
CA GLU A 252 16.62 -34.32 26.35
C GLU A 252 17.88 -33.72 26.95
N ARG A 253 18.98 -33.82 26.20
CA ARG A 253 20.24 -33.23 26.61
C ARG A 253 20.31 -31.79 26.09
N MET A 254 20.70 -30.87 26.95
CA MET A 254 20.83 -29.46 26.58
C MET A 254 22.26 -28.99 26.84
N HIS A 255 22.85 -28.32 25.87
CA HIS A 255 24.22 -27.84 25.95
C HIS A 255 24.25 -26.40 26.45
N TYR A 256 25.22 -26.09 27.30
CA TYR A 256 25.34 -24.75 27.86
C TYR A 256 26.79 -24.44 28.19
N VAL A 257 27.11 -23.15 28.17
CA VAL A 257 28.41 -22.65 28.58
C VAL A 257 28.33 -22.26 30.05
N ASP A 258 29.36 -22.60 30.83
CA ASP A 258 29.39 -22.28 32.25
C ASP A 258 30.79 -21.82 32.61
N VAL A 259 30.94 -20.53 32.92
CA VAL A 259 32.20 -19.94 33.33
C VAL A 259 31.94 -18.94 34.45
N GLY A 260 33.02 -18.43 35.03
CA GLY A 260 32.92 -17.42 36.05
C GLY A 260 32.87 -18.00 37.46
N PRO A 261 32.93 -17.12 38.46
CA PRO A 261 32.94 -17.59 39.86
C PRO A 261 31.64 -18.29 40.22
N ARG A 262 31.75 -19.26 41.12
CA ARG A 262 30.62 -20.14 41.44
C ARG A 262 29.58 -19.48 42.34
N ASP A 263 29.96 -18.49 43.13
CA ASP A 263 29.03 -17.86 44.06
C ASP A 263 28.28 -16.73 43.35
N GLY A 264 27.59 -15.90 44.14
CA GLY A 264 26.95 -14.72 43.61
C GLY A 264 25.79 -15.02 42.68
N THR A 265 25.22 -13.95 42.15
CA THR A 265 24.09 -14.05 41.25
C THR A 265 24.57 -14.39 39.85
N PRO A 266 24.16 -15.52 39.27
CA PRO A 266 24.60 -15.86 37.91
C PRO A 266 23.91 -14.99 36.87
N VAL A 267 24.55 -14.91 35.71
CA VAL A 267 24.05 -14.13 34.57
C VAL A 267 23.69 -15.12 33.47
N LEU A 268 22.43 -15.09 33.05
CA LEU A 268 21.89 -16.06 32.09
C LEU A 268 21.76 -15.39 30.72
N PHE A 269 22.46 -15.94 29.73
CA PHE A 269 22.44 -15.42 28.37
C PHE A 269 21.53 -16.29 27.50
N LEU A 270 20.59 -15.65 26.81
CA LEU A 270 19.59 -16.35 26.01
C LEU A 270 19.64 -15.83 24.58
N HIS A 271 19.95 -16.73 23.64
CA HIS A 271 20.03 -16.39 22.22
C HIS A 271 18.66 -16.57 21.56
N GLY A 272 18.62 -16.33 20.25
CA GLY A 272 17.40 -16.44 19.47
C GLY A 272 17.62 -17.24 18.20
N ASN A 273 16.89 -16.84 17.15
CA ASN A 273 16.88 -17.45 15.82
C ASN A 273 17.77 -16.65 14.88
N PRO A 274 18.69 -17.29 14.13
CA PRO A 274 19.01 -18.72 14.10
C PRO A 274 20.36 -19.04 14.72
N THR A 275 20.66 -18.48 15.87
CA THR A 275 21.99 -18.53 16.44
C THR A 275 22.05 -19.56 17.57
N SER A 276 23.04 -19.41 18.46
CA SER A 276 23.20 -20.27 19.62
C SER A 276 23.98 -19.47 20.67
N SER A 277 24.61 -20.17 21.62
CA SER A 277 25.51 -19.49 22.55
C SER A 277 26.75 -18.94 21.86
N TYR A 278 26.96 -19.30 20.59
CA TYR A 278 28.07 -18.73 19.82
C TYR A 278 27.92 -17.22 19.66
N VAL A 279 26.69 -16.71 19.69
CA VAL A 279 26.47 -15.27 19.55
C VAL A 279 26.92 -14.52 20.79
N TRP A 280 27.12 -15.21 21.91
CA TRP A 280 27.61 -14.61 23.14
C TRP A 280 29.11 -14.84 23.36
N ARG A 281 29.83 -15.30 22.32
CA ARG A 281 31.21 -15.69 22.50
C ARG A 281 32.11 -14.50 22.84
N ASN A 282 31.77 -13.31 22.38
CA ASN A 282 32.58 -12.12 22.61
C ASN A 282 32.03 -11.24 23.73
N ILE A 283 30.84 -11.54 24.24
CA ILE A 283 30.27 -10.83 25.38
C ILE A 283 30.65 -11.50 26.69
N ILE A 284 30.66 -12.83 26.71
CA ILE A 284 30.97 -13.55 27.95
C ILE A 284 32.30 -13.15 28.54
N PRO A 285 33.39 -13.00 27.78
CA PRO A 285 34.68 -12.67 28.43
C PRO A 285 34.68 -11.36 29.22
N HIS A 286 33.75 -10.45 28.96
CA HIS A 286 33.64 -9.19 29.72
C HIS A 286 32.92 -9.38 31.04
N VAL A 287 32.09 -10.42 31.16
CA VAL A 287 31.31 -10.67 32.35
C VAL A 287 31.92 -11.75 33.24
N ALA A 288 32.59 -12.75 32.67
CA ALA A 288 33.11 -13.85 33.49
C ALA A 288 34.08 -13.44 34.60
N PRO A 289 34.97 -12.46 34.43
CA PRO A 289 35.90 -12.12 35.53
C PRO A 289 35.22 -11.77 36.85
N THR A 290 33.97 -11.32 36.83
CA THR A 290 33.27 -10.96 38.06
C THR A 290 31.99 -11.73 38.31
N HIS A 291 31.36 -12.30 37.28
CA HIS A 291 30.08 -12.96 37.43
C HIS A 291 30.07 -14.29 36.68
N ARG A 292 29.30 -15.24 37.21
CA ARG A 292 29.10 -16.51 36.53
C ARG A 292 28.29 -16.30 35.26
N CYS A 293 28.73 -16.91 34.16
CA CYS A 293 28.06 -16.79 32.87
C CYS A 293 27.47 -18.15 32.49
N ILE A 294 26.17 -18.18 32.26
CA ILE A 294 25.46 -19.37 31.81
C ILE A 294 24.80 -19.04 30.48
N ALA A 295 25.07 -19.87 29.47
CA ALA A 295 24.59 -19.61 28.11
C ALA A 295 24.15 -20.93 27.48
N PRO A 296 22.88 -21.27 27.61
CA PRO A 296 22.39 -22.54 27.04
C PRO A 296 22.07 -22.42 25.56
N ASP A 297 22.20 -23.55 24.87
CA ASP A 297 21.69 -23.68 23.52
C ASP A 297 20.23 -24.13 23.59
N LEU A 298 19.35 -23.39 22.92
CA LEU A 298 17.94 -23.72 22.95
C LEU A 298 17.71 -25.14 22.43
N ILE A 299 16.61 -25.74 22.89
CA ILE A 299 16.31 -27.11 22.50
C ILE A 299 16.10 -27.16 20.98
N GLY A 300 16.65 -28.21 20.36
CA GLY A 300 16.61 -28.28 18.91
C GLY A 300 17.55 -27.33 18.21
N MET A 301 18.48 -26.72 18.92
CA MET A 301 19.41 -25.76 18.34
C MET A 301 20.79 -25.95 18.94
N GLY A 302 21.79 -25.38 18.28
CA GLY A 302 23.15 -25.41 18.79
C GLY A 302 23.66 -26.83 18.93
N LYS A 303 24.23 -27.13 20.09
CA LYS A 303 24.67 -28.47 20.42
C LYS A 303 23.68 -29.22 21.31
N SER A 304 22.54 -28.61 21.61
CA SER A 304 21.51 -29.32 22.36
C SER A 304 20.83 -30.35 21.46
N ASP A 305 20.22 -31.35 22.11
CA ASP A 305 19.49 -32.36 21.36
C ASP A 305 18.36 -31.73 20.56
N LYS A 306 18.00 -32.38 19.45
CA LYS A 306 17.02 -31.87 18.51
C LYS A 306 15.89 -32.88 18.34
N PRO A 307 14.99 -32.99 19.31
CA PRO A 307 13.87 -33.92 19.19
C PRO A 307 12.86 -33.46 18.15
N ASP A 308 11.93 -34.35 17.83
CA ASP A 308 10.93 -34.10 16.79
C ASP A 308 9.73 -33.40 17.43
N LEU A 309 9.85 -32.09 17.56
CA LEU A 309 8.82 -31.26 18.15
C LEU A 309 8.24 -30.31 17.10
N GLY A 310 7.08 -29.74 17.43
CA GLY A 310 6.57 -28.62 16.66
C GLY A 310 7.38 -27.35 16.85
N TYR A 311 8.08 -27.24 17.99
CA TYR A 311 9.01 -26.16 18.27
C TYR A 311 8.34 -24.79 18.30
N PHE A 312 7.09 -24.74 18.76
CA PHE A 312 6.47 -23.47 19.06
C PHE A 312 7.24 -22.76 20.18
N PHE A 313 6.89 -21.49 20.42
CA PHE A 313 7.49 -20.77 21.53
C PHE A 313 7.22 -21.46 22.86
N ASP A 314 6.06 -22.12 23.00
CA ASP A 314 5.74 -22.83 24.23
C ASP A 314 6.68 -24.00 24.47
N ASP A 315 7.12 -24.67 23.41
CA ASP A 315 8.08 -25.77 23.58
C ASP A 315 9.39 -25.25 24.16
N HIS A 316 9.86 -24.08 23.69
CA HIS A 316 11.06 -23.49 24.26
C HIS A 316 10.82 -22.99 25.69
N VAL A 317 9.58 -22.62 26.01
CA VAL A 317 9.26 -22.23 27.38
C VAL A 317 9.36 -23.42 28.32
N ARG A 318 8.92 -24.60 27.87
CA ARG A 318 8.96 -25.79 28.72
C ARG A 318 10.39 -26.21 29.01
N PHE A 319 11.27 -26.18 28.00
CA PHE A 319 12.62 -26.69 28.18
C PHE A 319 13.53 -25.70 28.89
N MET A 320 13.28 -24.40 28.75
CA MET A 320 14.09 -23.43 29.48
C MET A 320 13.68 -23.37 30.95
N ASP A 321 12.38 -23.50 31.24
CA ASP A 321 11.93 -23.59 32.62
C ASP A 321 12.57 -24.78 33.33
N ALA A 322 12.61 -25.93 32.67
CA ALA A 322 13.24 -27.11 33.25
C ALA A 322 14.75 -27.04 33.24
N PHE A 323 15.35 -26.22 32.36
CA PHE A 323 16.79 -26.01 32.39
C PHE A 323 17.19 -25.18 33.59
N ILE A 324 16.45 -24.10 33.86
CA ILE A 324 16.77 -23.25 35.01
C ILE A 324 16.69 -24.06 36.31
N GLU A 325 15.65 -24.87 36.45
CA GLU A 325 15.51 -25.67 37.66
C GLU A 325 16.54 -26.80 37.73
N ALA A 326 17.00 -27.28 36.57
CA ALA A 326 18.02 -28.33 36.58
C ALA A 326 19.36 -27.83 37.09
N LEU A 327 19.65 -26.54 36.89
CA LEU A 327 20.89 -25.95 37.39
C LEU A 327 20.74 -25.34 38.78
N GLY A 328 19.55 -25.40 39.37
CA GLY A 328 19.36 -24.88 40.72
C GLY A 328 19.54 -23.38 40.84
N LEU A 329 19.23 -22.64 39.78
CA LEU A 329 19.43 -21.20 39.81
C LEU A 329 18.37 -20.54 40.70
N GLU A 330 18.81 -19.64 41.57
CA GLU A 330 17.90 -18.90 42.45
C GLU A 330 17.56 -17.55 41.82
N GLU A 331 18.32 -16.53 42.17
CA GLU A 331 18.18 -15.22 41.55
C GLU A 331 19.15 -15.12 40.37
N VAL A 332 18.72 -14.41 39.33
CA VAL A 332 19.48 -14.33 38.09
C VAL A 332 19.46 -12.91 37.55
N VAL A 333 20.46 -12.61 36.72
CA VAL A 333 20.46 -11.46 35.84
C VAL A 333 20.36 -11.98 34.40
N LEU A 334 19.57 -11.31 33.58
CA LEU A 334 19.26 -11.78 32.23
C LEU A 334 19.98 -10.91 31.20
N VAL A 335 20.63 -11.55 30.24
CA VAL A 335 21.16 -10.90 29.05
C VAL A 335 20.56 -11.65 27.86
N ILE A 336 19.63 -11.00 27.15
CA ILE A 336 18.75 -11.68 26.22
C ILE A 336 18.72 -10.96 24.88
N HIS A 337 18.30 -11.69 23.85
CA HIS A 337 18.31 -11.20 22.48
C HIS A 337 17.34 -12.00 21.64
N ASP A 338 16.51 -11.32 20.87
CA ASP A 338 15.56 -11.92 19.92
C ASP A 338 14.62 -12.84 20.71
N TRP A 339 14.43 -14.10 20.30
CA TRP A 339 13.47 -14.96 20.99
C TRP A 339 13.92 -15.35 22.38
N GLY A 340 15.22 -15.27 22.68
CA GLY A 340 15.66 -15.42 24.05
C GLY A 340 15.16 -14.33 24.96
N SER A 341 14.77 -13.18 24.41
CA SER A 341 14.20 -12.11 25.21
C SER A 341 12.75 -12.40 25.56
N ALA A 342 11.98 -12.96 24.62
CA ALA A 342 10.63 -13.38 24.95
C ALA A 342 10.65 -14.46 26.03
N LEU A 343 11.61 -15.38 25.96
CA LEU A 343 11.77 -16.38 27.01
C LEU A 343 12.15 -15.75 28.34
N GLY A 344 13.00 -14.72 28.30
CA GLY A 344 13.47 -14.11 29.53
C GLY A 344 12.41 -13.25 30.21
N PHE A 345 11.68 -12.46 29.43
CA PHE A 345 10.65 -11.59 30.00
C PHE A 345 9.45 -12.40 30.49
N HIS A 346 9.10 -13.47 29.77
CA HIS A 346 7.97 -14.30 30.18
C HIS A 346 8.28 -15.02 31.48
N TRP A 347 9.47 -15.60 31.59
CA TRP A 347 9.87 -16.24 32.84
C TRP A 347 9.98 -15.22 33.96
N ALA A 348 10.48 -14.02 33.66
CA ALA A 348 10.60 -12.98 34.67
C ALA A 348 9.24 -12.51 35.15
N LYS A 349 8.29 -12.34 34.23
CA LYS A 349 6.93 -12.00 34.62
C LYS A 349 6.36 -13.03 35.58
N ARG A 350 6.68 -14.30 35.36
CA ARG A 350 6.20 -15.39 36.20
C ARG A 350 7.08 -15.66 37.40
N ASN A 351 8.29 -15.10 37.44
CA ASN A 351 9.20 -15.24 38.59
C ASN A 351 9.85 -13.89 38.89
N PRO A 352 9.05 -12.88 39.25
CA PRO A 352 9.62 -11.54 39.38
C PRO A 352 10.56 -11.38 40.56
N GLU A 353 10.41 -12.21 41.60
CA GLU A 353 11.28 -12.11 42.77
C GLU A 353 12.65 -12.76 42.56
N ARG A 354 12.95 -13.23 41.34
CA ARG A 354 14.20 -13.92 41.06
C ARG A 354 15.04 -13.23 39.98
N VAL A 355 14.63 -12.05 39.51
CA VAL A 355 15.37 -11.31 38.49
C VAL A 355 15.89 -10.03 39.12
N LYS A 356 17.21 -9.86 39.09
CA LYS A 356 17.86 -8.69 39.67
C LYS A 356 18.24 -7.65 38.63
N GLY A 357 18.05 -7.93 37.35
CA GLY A 357 18.36 -7.01 36.29
C GLY A 357 18.19 -7.65 34.93
N ILE A 358 17.90 -6.84 33.91
CA ILE A 358 17.69 -7.33 32.55
C ILE A 358 18.47 -6.45 31.60
N ALA A 359 19.36 -7.06 30.81
CA ALA A 359 20.02 -6.42 29.68
C ALA A 359 19.50 -7.05 28.40
N PHE A 360 18.83 -6.27 27.57
CA PHE A 360 18.16 -6.79 26.39
C PHE A 360 18.53 -5.96 25.16
N MET A 361 18.42 -6.60 23.99
CA MET A 361 18.78 -5.98 22.74
C MET A 361 18.02 -6.67 21.61
N GLU A 362 17.51 -5.88 20.67
CA GLU A 362 16.71 -6.36 19.56
C GLU A 362 15.74 -7.45 20.02
N PHE A 363 14.79 -7.07 20.86
CA PHE A 363 13.97 -8.02 21.60
C PHE A 363 12.58 -8.13 20.99
N ILE A 364 11.87 -9.17 21.42
CA ILE A 364 10.53 -9.47 20.90
C ILE A 364 9.54 -8.49 21.49
N ARG A 365 8.81 -7.79 20.64
CA ARG A 365 7.80 -6.82 21.01
C ARG A 365 6.61 -6.99 20.08
N PRO A 366 5.43 -6.54 20.49
CA PRO A 366 4.27 -6.56 19.58
C PRO A 366 4.47 -5.55 18.46
N ILE A 367 4.54 -6.05 17.22
CA ILE A 367 4.68 -5.19 16.05
C ILE A 367 3.29 -4.99 15.46
N PRO A 368 2.67 -3.83 15.65
CA PRO A 368 1.25 -3.68 15.26
C PRO A 368 1.00 -3.76 13.77
N THR A 369 1.90 -3.23 12.94
CA THR A 369 1.70 -3.22 11.49
C THR A 369 2.98 -3.64 10.80
N TRP A 370 2.83 -4.14 9.58
CA TRP A 370 3.99 -4.54 8.78
C TRP A 370 4.83 -3.35 8.33
N ASP A 371 4.25 -2.15 8.30
CA ASP A 371 5.04 -0.98 7.92
C ASP A 371 6.09 -0.62 8.97
N GLU A 372 6.04 -1.22 10.16
CA GLU A 372 7.13 -1.10 11.10
C GLU A 372 8.25 -2.09 10.82
N TRP A 373 7.98 -3.14 10.05
CA TRP A 373 9.02 -4.09 9.71
C TRP A 373 9.94 -3.49 8.65
N PRO A 374 11.24 -3.81 8.67
CA PRO A 374 12.15 -3.30 7.63
C PRO A 374 11.65 -3.59 6.22
N ARG A 375 11.44 -2.52 5.44
CA ARG A 375 10.78 -2.66 4.15
C ARG A 375 11.50 -3.62 3.22
N PHE A 376 12.83 -3.67 3.28
CA PHE A 376 13.57 -4.58 2.41
C PHE A 376 13.39 -6.04 2.82
N ALA A 377 12.93 -6.30 4.04
CA ALA A 377 12.75 -7.65 4.55
C ALA A 377 11.28 -8.01 4.76
N ARG A 378 10.34 -7.18 4.27
CA ARG A 378 8.93 -7.48 4.46
C ARG A 378 8.46 -8.60 3.53
N ARG A 379 8.82 -8.52 2.24
CA ARG A 379 8.44 -9.57 1.31
C ARG A 379 9.01 -10.92 1.73
N THR A 380 10.21 -10.93 2.30
CA THR A 380 10.85 -12.18 2.68
C THR A 380 10.18 -12.80 3.90
N PHE A 381 9.95 -12.01 4.95
CA PHE A 381 9.38 -12.57 6.18
C PHE A 381 7.91 -12.90 6.02
N GLN A 382 7.20 -12.24 5.11
CA GLN A 382 5.84 -12.66 4.81
C GLN A 382 5.82 -13.97 4.03
N ALA A 383 6.85 -14.22 3.22
CA ALA A 383 6.99 -15.51 2.56
C ALA A 383 7.50 -16.57 3.52
N PHE A 384 8.27 -16.18 4.54
CA PHE A 384 8.66 -17.13 5.59
C PHE A 384 7.46 -17.63 6.37
N ARG A 385 6.43 -16.80 6.53
CA ARG A 385 5.27 -17.13 7.34
C ARG A 385 4.17 -17.81 6.51
N THR A 386 4.58 -18.82 5.74
CA THR A 386 3.67 -19.64 4.95
C THR A 386 4.09 -21.10 5.09
N THR A 387 3.12 -22.01 5.00
CA THR A 387 3.41 -23.43 5.12
C THR A 387 3.94 -24.04 3.83
N ASP A 388 3.79 -23.35 2.70
CA ASP A 388 4.28 -23.86 1.41
C ASP A 388 5.62 -23.21 1.05
N VAL A 389 5.58 -21.95 0.61
CA VAL A 389 6.81 -21.27 0.22
C VAL A 389 7.73 -21.08 1.42
N GLY A 390 7.17 -20.90 2.61
CA GLY A 390 8.00 -20.69 3.78
C GLY A 390 8.81 -21.91 4.17
N ARG A 391 8.25 -23.10 3.99
CA ARG A 391 9.02 -24.31 4.31
C ARG A 391 10.08 -24.58 3.25
N LYS A 392 9.77 -24.30 1.98
CA LYS A 392 10.79 -24.43 0.94
C LYS A 392 11.98 -23.52 1.21
N LEU A 393 11.70 -22.27 1.62
CA LEU A 393 12.78 -21.31 1.84
C LEU A 393 13.64 -21.69 3.04
N ILE A 394 13.01 -22.06 4.15
CA ILE A 394 13.74 -22.26 5.39
C ILE A 394 14.17 -23.72 5.58
N ILE A 395 13.28 -24.68 5.30
CA ILE A 395 13.63 -26.08 5.54
C ILE A 395 14.45 -26.63 4.37
N ASP A 396 13.95 -26.49 3.15
CA ASP A 396 14.59 -27.11 2.00
C ASP A 396 15.83 -26.35 1.55
N GLN A 397 15.78 -25.02 1.60
CA GLN A 397 16.84 -24.18 1.04
C GLN A 397 17.72 -23.51 2.08
N ASN A 398 17.35 -23.55 3.36
CA ASN A 398 18.17 -23.00 4.44
C ASN A 398 18.46 -21.51 4.23
N VAL A 399 17.43 -20.76 3.81
CA VAL A 399 17.62 -19.35 3.51
C VAL A 399 17.86 -18.54 4.79
N PHE A 400 17.26 -18.96 5.91
CA PHE A 400 17.43 -18.21 7.15
C PHE A 400 18.88 -18.25 7.63
N ILE A 401 19.63 -19.28 7.27
CA ILE A 401 21.03 -19.39 7.66
C ILE A 401 21.95 -18.73 6.64
N GLU A 402 21.75 -19.01 5.36
CA GLU A 402 22.65 -18.51 4.32
C GLU A 402 22.37 -17.07 3.93
N GLY A 403 21.15 -16.58 4.13
CA GLY A 403 20.80 -15.25 3.69
C GLY A 403 20.36 -14.30 4.78
N THR A 404 19.35 -14.70 5.55
CA THR A 404 18.81 -13.82 6.58
C THR A 404 19.85 -13.52 7.66
N LEU A 405 20.64 -14.53 8.03
CA LEU A 405 21.64 -14.33 9.08
C LEU A 405 22.73 -13.34 8.68
N PRO A 406 23.39 -13.45 7.51
CA PRO A 406 24.37 -12.42 7.15
C PRO A 406 23.75 -11.08 6.80
N MET A 407 22.45 -11.01 6.54
CA MET A 407 21.77 -9.73 6.38
C MET A 407 21.34 -9.12 7.71
N GLY A 408 21.44 -9.88 8.80
CA GLY A 408 21.21 -9.36 10.14
C GLY A 408 22.44 -8.81 10.80
N VAL A 409 23.57 -8.75 10.08
CA VAL A 409 24.81 -8.18 10.58
C VAL A 409 25.29 -7.15 9.57
N VAL A 410 25.70 -5.97 10.06
CA VAL A 410 26.18 -4.92 9.16
C VAL A 410 27.51 -5.30 8.55
N ARG A 411 28.43 -5.82 9.37
CA ARG A 411 29.72 -6.26 8.87
C ARG A 411 29.61 -7.66 8.27
N PRO A 412 30.51 -8.02 7.36
CA PRO A 412 30.41 -9.32 6.69
C PRO A 412 30.88 -10.45 7.61
N LEU A 413 29.99 -11.40 7.86
CA LEU A 413 30.37 -12.60 8.59
C LEU A 413 31.36 -13.41 7.77
N THR A 414 32.43 -13.87 8.42
CA THR A 414 33.44 -14.65 7.72
C THR A 414 32.96 -16.09 7.54
N GLU A 415 33.76 -16.89 6.84
CA GLU A 415 33.38 -18.28 6.60
C GLU A 415 33.49 -19.11 7.87
N VAL A 416 34.44 -18.77 8.75
CA VAL A 416 34.57 -19.48 10.02
C VAL A 416 33.32 -19.26 10.88
N GLU A 417 32.81 -18.02 10.89
CA GLU A 417 31.62 -17.71 11.69
C GLU A 417 30.37 -18.30 11.07
N MET A 418 30.27 -18.28 9.74
CA MET A 418 29.11 -18.88 9.08
C MET A 418 29.07 -20.39 9.29
N ASP A 419 30.22 -21.05 9.24
CA ASP A 419 30.25 -22.49 9.48
C ASP A 419 29.91 -22.83 10.92
N HIS A 420 30.19 -21.92 11.86
CA HIS A 420 29.76 -22.15 13.24
C HIS A 420 28.25 -22.11 13.35
N TYR A 421 27.60 -21.19 12.62
CA TYR A 421 26.14 -21.13 12.60
C TYR A 421 25.52 -22.20 11.69
N ARG A 422 26.28 -22.72 10.72
CA ARG A 422 25.76 -23.75 9.83
C ARG A 422 25.73 -25.13 10.49
N GLU A 423 26.61 -25.38 11.46
CA GLU A 423 26.79 -26.73 11.99
C GLU A 423 25.53 -27.34 12.56
N PRO A 424 24.73 -26.67 13.40
CA PRO A 424 23.54 -27.33 13.98
C PRO A 424 22.46 -27.67 12.97
N PHE A 425 22.54 -27.17 11.73
CA PHE A 425 21.44 -27.34 10.79
C PHE A 425 21.92 -27.90 9.46
N LEU A 426 22.95 -28.75 9.47
CA LEU A 426 23.43 -29.37 8.24
C LEU A 426 22.39 -30.31 7.64
N ASN A 427 21.59 -30.95 8.49
CA ASN A 427 20.53 -31.83 8.03
C ASN A 427 19.23 -31.04 7.92
N PRO A 428 18.59 -30.98 6.74
CA PRO A 428 17.40 -30.14 6.59
C PRO A 428 16.24 -30.50 7.50
N VAL A 429 16.20 -31.74 8.02
CA VAL A 429 15.11 -32.11 8.92
C VAL A 429 15.26 -31.43 10.28
N ASP A 430 16.47 -31.00 10.64
CA ASP A 430 16.71 -30.34 11.92
C ASP A 430 16.47 -28.83 11.87
N ARG A 431 16.06 -28.30 10.72
CA ARG A 431 15.80 -26.87 10.57
C ARG A 431 14.37 -26.50 10.92
N GLU A 432 13.64 -27.38 11.60
CA GLU A 432 12.26 -27.07 11.98
C GLU A 432 12.15 -25.83 12.87
N PRO A 433 12.96 -25.62 13.91
CA PRO A 433 12.84 -24.39 14.69
C PRO A 433 13.19 -23.12 13.92
N LEU A 434 13.96 -23.23 12.83
CA LEU A 434 14.28 -22.06 12.03
C LEU A 434 13.07 -21.53 11.27
N TRP A 435 12.07 -22.38 11.02
CA TRP A 435 10.85 -21.98 10.33
C TRP A 435 9.70 -21.65 11.27
N ARG A 436 9.59 -22.36 12.39
CA ARG A 436 8.51 -22.08 13.33
C ARG A 436 8.70 -20.74 14.04
N PHE A 437 9.95 -20.33 14.29
CA PHE A 437 10.20 -19.06 14.97
C PHE A 437 9.65 -17.85 14.23
N PRO A 438 9.95 -17.62 12.94
CA PRO A 438 9.36 -16.46 12.26
C PRO A 438 7.84 -16.53 12.14
N ASN A 439 7.26 -17.73 12.15
CA ASN A 439 5.81 -17.85 12.15
C ASN A 439 5.21 -17.54 13.52
N GLU A 440 6.01 -17.56 14.58
CA GLU A 440 5.56 -17.18 15.92
C GLU A 440 5.71 -15.70 16.20
N LEU A 441 6.34 -14.94 15.30
CA LEU A 441 6.54 -13.51 15.54
C LEU A 441 5.20 -12.80 15.61
N PRO A 442 4.94 -12.01 16.66
CA PRO A 442 3.64 -11.31 16.81
C PRO A 442 3.56 -10.05 15.97
N ILE A 443 3.23 -10.23 14.69
CA ILE A 443 3.19 -9.15 13.72
C ILE A 443 1.76 -9.04 13.18
N ALA A 444 1.21 -7.83 13.22
CA ALA A 444 -0.12 -7.53 12.69
C ALA A 444 -1.20 -8.35 13.38
N GLY A 445 -1.01 -8.65 14.66
CA GLY A 445 -1.98 -9.40 15.44
C GLY A 445 -1.91 -10.90 15.30
N GLU A 446 -0.98 -11.43 14.52
CA GLU A 446 -0.87 -12.87 14.31
C GLU A 446 0.54 -13.34 14.66
N PRO A 447 0.67 -14.43 15.42
CA PRO A 447 -0.44 -15.21 15.97
C PRO A 447 -0.98 -14.60 17.26
N ALA A 448 -2.30 -14.71 17.48
CA ALA A 448 -2.93 -13.99 18.57
C ALA A 448 -2.47 -14.49 19.93
N ASN A 449 -2.02 -15.75 20.02
CA ASN A 449 -1.58 -16.28 21.30
C ASN A 449 -0.24 -15.70 21.71
N ILE A 450 0.67 -15.53 20.75
CA ILE A 450 1.95 -14.89 21.05
C ILE A 450 1.76 -13.40 21.30
N VAL A 451 0.87 -12.76 20.52
CA VAL A 451 0.58 -11.34 20.73
C VAL A 451 0.14 -11.09 22.16
N ALA A 452 -0.80 -11.91 22.66
CA ALA A 452 -1.30 -11.73 24.02
C ALA A 452 -0.20 -12.01 25.04
N LEU A 453 0.61 -13.04 24.82
CA LEU A 453 1.68 -13.37 25.76
C LEU A 453 2.73 -12.26 25.79
N VAL A 454 3.11 -11.76 24.61
CA VAL A 454 4.13 -10.72 24.55
C VAL A 454 3.60 -9.42 25.13
N GLU A 455 2.32 -9.11 24.86
CA GLU A 455 1.70 -7.93 25.47
C GLU A 455 1.70 -8.01 26.99
N GLU A 456 1.61 -9.23 27.54
CA GLU A 456 1.54 -9.37 28.99
C GLU A 456 2.89 -9.11 29.65
N TYR A 457 3.98 -9.62 29.08
CA TYR A 457 5.28 -9.33 29.71
C TYR A 457 5.76 -7.93 29.40
N MET A 458 5.31 -7.33 28.29
CA MET A 458 5.58 -5.92 28.06
C MET A 458 4.86 -5.05 29.07
N ASP A 459 3.63 -5.44 29.45
CA ASP A 459 2.92 -4.73 30.50
C ASP A 459 3.60 -4.92 31.85
N TRP A 460 4.00 -6.16 32.17
CA TRP A 460 4.71 -6.40 33.42
C TRP A 460 6.01 -5.62 33.47
N LEU A 461 6.70 -5.49 32.34
CA LEU A 461 7.97 -4.77 32.32
C LEU A 461 7.77 -3.30 32.66
N HIS A 462 6.66 -2.71 32.20
CA HIS A 462 6.41 -1.29 32.42
C HIS A 462 6.07 -0.96 33.87
N GLN A 463 5.62 -1.93 34.65
CA GLN A 463 5.30 -1.73 36.05
C GLN A 463 6.38 -2.27 36.98
N SER A 464 7.52 -2.69 36.45
CA SER A 464 8.51 -3.32 37.31
C SER A 464 9.66 -2.37 37.61
N PRO A 465 10.16 -2.37 38.85
CA PRO A 465 11.34 -1.58 39.19
C PRO A 465 12.67 -2.31 38.98
N VAL A 466 12.67 -3.45 38.30
CA VAL A 466 13.92 -4.21 38.10
C VAL A 466 14.84 -3.41 37.19
N PRO A 467 16.15 -3.40 37.45
CA PRO A 467 17.07 -2.67 36.56
C PRO A 467 17.00 -3.18 35.13
N LYS A 468 17.00 -2.24 34.19
CA LYS A 468 16.92 -2.56 32.78
C LYS A 468 18.05 -1.85 32.03
N LEU A 469 18.61 -2.56 31.05
CA LEU A 469 19.68 -2.04 30.21
C LEU A 469 19.37 -2.44 28.77
N LEU A 470 19.10 -1.46 27.92
CA LEU A 470 18.67 -1.69 26.55
C LEU A 470 19.76 -1.28 25.58
N PHE A 471 20.21 -2.22 24.75
CA PHE A 471 21.13 -1.94 23.65
C PHE A 471 20.33 -1.83 22.36
N TRP A 472 20.73 -0.88 21.52
CA TRP A 472 20.04 -0.66 20.25
C TRP A 472 21.03 -0.15 19.21
N GLY A 473 20.68 -0.39 17.95
CA GLY A 473 21.50 0.08 16.84
C GLY A 473 20.63 0.64 15.73
N THR A 474 21.31 1.20 14.73
CA THR A 474 20.64 1.83 13.60
C THR A 474 20.97 1.05 12.33
N PRO A 475 19.99 0.73 11.49
CA PRO A 475 18.57 1.04 11.67
C PRO A 475 17.80 0.03 12.52
N GLY A 476 18.45 -1.06 12.89
CA GLY A 476 17.78 -2.11 13.63
C GLY A 476 16.77 -2.86 12.76
N VAL A 477 16.15 -3.87 13.37
CA VAL A 477 15.13 -4.67 12.70
C VAL A 477 13.91 -4.78 13.60
N LEU A 478 14.06 -5.48 14.73
CA LEU A 478 12.94 -5.65 15.65
C LEU A 478 12.62 -4.36 16.38
N ILE A 479 13.64 -3.60 16.76
CA ILE A 479 13.50 -2.36 17.51
C ILE A 479 14.04 -1.22 16.66
N PRO A 480 13.18 -0.45 16.02
CA PRO A 480 13.65 0.76 15.33
C PRO A 480 14.19 1.76 16.32
N PRO A 481 15.09 2.66 15.89
CA PRO A 481 15.70 3.60 16.85
C PRO A 481 14.69 4.45 17.60
N ALA A 482 13.63 4.92 16.92
CA ALA A 482 12.61 5.70 17.59
C ALA A 482 11.88 4.88 18.65
N GLU A 483 11.70 3.58 18.42
CA GLU A 483 11.08 2.73 19.42
C GLU A 483 12.02 2.47 20.58
N ALA A 484 13.32 2.33 20.30
CA ALA A 484 14.29 2.14 21.38
C ALA A 484 14.37 3.36 22.28
N ALA A 485 14.17 4.55 21.72
CA ALA A 485 14.19 5.77 22.53
C ALA A 485 12.92 5.89 23.36
N ARG A 486 11.78 5.48 22.80
CA ARG A 486 10.51 5.59 23.53
C ARG A 486 10.49 4.67 24.74
N LEU A 487 10.91 3.42 24.57
CA LEU A 487 10.86 2.46 25.66
C LEU A 487 11.86 2.79 26.77
N ALA A 488 13.02 3.35 26.39
CA ALA A 488 14.01 3.69 27.41
C ALA A 488 13.52 4.80 28.32
N LYS A 489 12.57 5.59 27.85
CA LYS A 489 12.09 6.72 28.63
C LYS A 489 10.96 6.32 29.57
N SER A 490 10.09 5.41 29.12
CA SER A 490 8.91 5.05 29.89
C SER A 490 9.13 3.83 30.79
N LEU A 491 10.06 2.96 30.45
CA LEU A 491 10.33 1.80 31.30
C LEU A 491 11.07 2.24 32.56
N PRO A 492 10.67 1.78 33.73
CA PRO A 492 11.33 2.22 34.96
C PRO A 492 12.75 1.67 35.07
N ASN A 493 13.66 2.54 35.52
CA ASN A 493 15.05 2.14 35.83
C ASN A 493 15.76 1.59 34.60
N CYS A 494 15.58 2.24 33.46
CA CYS A 494 16.15 1.78 32.20
C CYS A 494 17.33 2.65 31.80
N LYS A 495 18.38 2.00 31.32
CA LYS A 495 19.56 2.67 30.78
C LYS A 495 19.76 2.22 29.35
N ALA A 496 19.72 3.16 28.41
CA ALA A 496 19.84 2.86 26.99
C ALA A 496 21.26 3.11 26.52
N VAL A 497 21.74 2.25 25.61
CA VAL A 497 23.08 2.36 25.05
C VAL A 497 22.96 2.26 23.54
N ASP A 498 23.56 3.22 22.84
CA ASP A 498 23.63 3.21 21.38
C ASP A 498 24.95 2.56 20.96
N ILE A 499 24.86 1.45 20.22
CA ILE A 499 26.05 0.71 19.81
C ILE A 499 26.53 1.11 18.41
N GLY A 500 25.90 2.10 17.78
CA GLY A 500 26.26 2.52 16.46
C GLY A 500 25.37 1.87 15.42
N PRO A 501 25.94 1.50 14.27
CA PRO A 501 25.17 0.77 13.26
C PRO A 501 24.85 -0.63 13.74
N GLY A 502 23.72 -1.17 13.24
CA GLY A 502 23.29 -2.50 13.61
C GLY A 502 21.98 -2.93 12.96
N GLU A 503 21.78 -4.24 12.82
CA GLU A 503 20.56 -4.77 12.25
C GLU A 503 19.86 -5.56 13.35
N ASN A 504 20.09 -6.85 13.46
CA ASN A 504 19.50 -7.68 14.50
C ASN A 504 20.52 -8.31 15.44
N LEU A 505 21.64 -8.80 14.92
CA LEU A 505 22.68 -9.40 15.75
C LEU A 505 23.69 -8.31 16.12
N LEU A 506 23.29 -7.50 17.11
CA LEU A 506 24.13 -6.40 17.55
C LEU A 506 25.42 -6.89 18.21
N GLN A 507 25.45 -8.15 18.67
CA GLN A 507 26.66 -8.70 19.27
C GLN A 507 27.76 -8.93 18.24
N GLU A 508 27.43 -8.98 16.95
CA GLU A 508 28.43 -9.18 15.91
C GLU A 508 28.96 -7.88 15.34
N ASP A 509 28.35 -6.74 15.64
CA ASP A 509 28.80 -5.46 15.13
C ASP A 509 29.56 -4.63 16.17
N ASN A 510 29.23 -4.77 17.45
CA ASN A 510 29.95 -4.06 18.52
C ASN A 510 29.90 -4.90 19.78
N PRO A 511 30.66 -6.01 19.82
CA PRO A 511 30.62 -6.86 21.01
C PRO A 511 31.38 -6.30 22.20
N ASP A 512 32.35 -5.42 21.99
CA ASP A 512 33.11 -4.88 23.12
C ASP A 512 32.29 -3.87 23.91
N LEU A 513 31.48 -3.05 23.23
CA LEU A 513 30.65 -2.09 23.92
C LEU A 513 29.51 -2.77 24.68
N ILE A 514 28.96 -3.84 24.11
CA ILE A 514 27.90 -4.58 24.78
C ILE A 514 28.42 -5.25 26.05
N GLY A 515 29.54 -5.96 25.93
CA GLY A 515 30.06 -6.69 27.08
C GLY A 515 30.62 -5.80 28.16
N SER A 516 31.28 -4.70 27.77
CA SER A 516 31.89 -3.83 28.77
C SER A 516 30.84 -3.01 29.51
N GLU A 517 29.81 -2.54 28.80
CA GLU A 517 28.72 -1.83 29.47
C GLU A 517 27.97 -2.75 30.41
N ILE A 518 27.81 -4.02 30.04
CA ILE A 518 27.15 -4.98 30.91
C ILE A 518 28.00 -5.22 32.16
N ALA A 519 29.32 -5.33 31.98
CA ALA A 519 30.20 -5.52 33.13
C ALA A 519 30.19 -4.30 34.04
N ARG A 520 30.06 -3.10 33.48
CA ARG A 520 29.96 -1.90 34.28
C ARG A 520 28.58 -1.76 34.93
N TRP A 521 27.52 -2.10 34.18
CA TRP A 521 26.16 -2.01 34.71
C TRP A 521 25.91 -3.04 35.81
N LEU A 522 26.52 -4.23 35.72
CA LEU A 522 26.32 -5.26 36.74
C LEU A 522 26.81 -4.84 38.11
N SER A 523 27.79 -3.93 38.20
CA SER A 523 28.30 -3.51 39.50
C SER A 523 27.31 -2.63 40.26
N THR A 524 26.41 -1.94 39.55
CA THR A 524 25.48 -1.02 40.19
C THR A 524 24.26 -1.71 40.78
N LEU A 525 24.09 -3.01 40.54
CA LEU A 525 22.96 -3.76 41.07
C LEU A 525 23.27 -4.28 42.47
N GLU A 526 22.23 -4.69 43.19
CA GLU A 526 22.38 -5.29 44.51
C GLU A 526 22.30 -6.80 44.34
N ILE A 527 23.47 -7.41 44.13
CA ILE A 527 23.55 -8.85 43.91
C ILE A 527 24.66 -9.47 44.75
N GLY B 3 -6.73 -5.24 0.29
CA GLY B 3 -6.60 -3.83 -0.02
C GLY B 3 -7.91 -3.07 -0.01
N GLU B 4 -8.94 -3.71 -0.57
CA GLU B 4 -10.27 -3.09 -0.64
C GLU B 4 -10.92 -3.03 0.73
N GLU B 5 -10.63 -4.01 1.59
CA GLU B 5 -11.25 -4.07 2.92
C GLU B 5 -10.75 -2.97 3.85
N LEU B 6 -9.67 -2.29 3.49
CA LEU B 6 -9.13 -1.21 4.30
C LEU B 6 -9.85 0.12 4.10
N PHE B 7 -10.86 0.17 3.23
CA PHE B 7 -11.57 1.39 2.92
C PHE B 7 -13.08 1.25 3.08
N THR B 8 -13.53 0.23 3.82
CA THR B 8 -14.96 0.01 3.99
C THR B 8 -15.61 1.04 4.89
N GLY B 9 -14.85 1.67 5.78
CA GLY B 9 -15.38 2.72 6.63
C GLY B 9 -14.66 4.04 6.46
N VAL B 10 -14.49 4.78 7.55
CA VAL B 10 -13.76 6.04 7.52
C VAL B 10 -12.31 5.76 7.91
N VAL B 11 -11.38 6.34 7.16
CA VAL B 11 -9.95 6.09 7.34
C VAL B 11 -9.27 7.42 7.64
N PRO B 12 -8.48 7.53 8.71
CA PRO B 12 -7.76 8.78 8.97
C PRO B 12 -6.65 9.02 7.96
N ILE B 13 -6.41 10.29 7.66
CA ILE B 13 -5.48 10.70 6.62
C ILE B 13 -4.49 11.71 7.19
N LEU B 14 -3.21 11.49 6.91
CA LEU B 14 -2.15 12.45 7.19
C LEU B 14 -1.44 12.78 5.87
N VAL B 15 -1.14 14.07 5.67
CA VAL B 15 -0.46 14.51 4.46
C VAL B 15 0.71 15.39 4.86
N GLU B 16 1.87 15.15 4.26
CA GLU B 16 3.08 15.92 4.50
C GLU B 16 3.72 16.27 3.17
N LEU B 17 4.07 17.54 3.00
CA LEU B 17 4.63 18.03 1.75
C LEU B 17 5.81 18.94 2.05
N ASP B 18 6.95 18.65 1.42
CA ASP B 18 8.12 19.53 1.42
C ASP B 18 8.26 20.13 0.03
N GLY B 19 8.26 21.47 -0.04
CA GLY B 19 8.18 22.14 -1.31
C GLY B 19 9.32 23.12 -1.50
N ASP B 20 9.49 23.51 -2.76
CA ASP B 20 10.53 24.47 -3.16
C ASP B 20 10.13 25.00 -4.53
N VAL B 21 9.77 26.28 -4.61
CA VAL B 21 9.35 26.92 -5.84
C VAL B 21 10.28 28.09 -6.11
N ASN B 22 11.13 27.95 -7.15
CA ASN B 22 12.10 28.97 -7.54
C ASN B 22 13.04 29.35 -6.39
N GLY B 23 13.24 28.42 -5.46
CA GLY B 23 14.11 28.63 -4.32
C GLY B 23 13.37 28.89 -3.02
N HIS B 24 12.08 29.17 -3.06
CA HIS B 24 11.30 29.48 -1.86
C HIS B 24 10.87 28.18 -1.20
N LYS B 25 11.55 27.81 -0.12
CA LYS B 25 11.22 26.61 0.63
C LYS B 25 9.96 26.81 1.46
N PHE B 26 9.21 25.72 1.64
CA PHE B 26 8.02 25.73 2.48
C PHE B 26 7.63 24.29 2.78
N SER B 27 6.79 24.13 3.80
CA SER B 27 6.28 22.82 4.18
C SER B 27 4.78 22.92 4.46
N VAL B 28 4.08 21.83 4.21
CA VAL B 28 2.63 21.74 4.41
C VAL B 28 2.31 20.47 5.16
N SER B 29 1.44 20.58 6.16
CA SER B 29 0.92 19.43 6.89
C SER B 29 -0.59 19.46 6.85
N GLY B 30 -1.19 18.30 6.66
CA GLY B 30 -2.63 18.18 6.64
C GLY B 30 -3.07 16.93 7.36
N GLU B 31 -4.30 16.97 7.88
CA GLU B 31 -4.88 15.81 8.51
C GLU B 31 -6.39 15.86 8.34
N GLY B 32 -7.00 14.69 8.27
CA GLY B 32 -8.42 14.55 8.05
C GLY B 32 -8.83 13.10 7.91
N GLU B 33 -9.75 12.82 7.00
CA GLU B 33 -10.24 11.45 6.85
C GLU B 33 -10.88 11.30 5.49
N GLY B 34 -11.01 10.05 5.07
CA GLY B 34 -11.65 9.74 3.81
C GLY B 34 -12.63 8.59 3.97
N ASP B 35 -13.68 8.65 3.16
CA ASP B 35 -14.70 7.60 3.12
C ASP B 35 -14.93 7.27 1.66
N ALA B 36 -14.39 6.12 1.21
CA ALA B 36 -14.52 5.73 -0.18
C ALA B 36 -15.95 5.42 -0.58
N THR B 37 -16.81 5.08 0.38
CA THR B 37 -18.20 4.75 0.05
C THR B 37 -18.90 5.92 -0.62
N TYR B 38 -18.57 7.14 -0.21
CA TYR B 38 -19.10 8.34 -0.85
C TYR B 38 -18.09 9.00 -1.79
N GLY B 39 -16.86 8.51 -1.84
CA GLY B 39 -15.82 9.17 -2.58
C GLY B 39 -15.37 10.47 -1.93
N LYS B 40 -15.43 10.53 -0.61
CA LYS B 40 -15.36 11.78 0.13
C LYS B 40 -14.01 11.95 0.81
N LEU B 41 -13.46 13.16 0.69
CA LEU B 41 -12.29 13.59 1.45
C LEU B 41 -12.63 14.88 2.17
N THR B 42 -12.33 14.95 3.46
CA THR B 42 -12.43 16.19 4.23
C THR B 42 -11.11 16.38 4.97
N LEU B 43 -10.39 17.44 4.63
CA LEU B 43 -9.04 17.64 5.12
C LEU B 43 -8.79 19.11 5.42
N LYS B 44 -7.91 19.37 6.39
CA LYS B 44 -7.48 20.71 6.73
C LYS B 44 -5.96 20.75 6.65
N PHE B 45 -5.45 21.65 5.81
CA PHE B 45 -4.01 21.78 5.57
C PHE B 45 -3.52 23.10 6.15
N ILE B 46 -2.32 23.08 6.72
CA ILE B 46 -1.68 24.27 7.28
C ILE B 46 -0.27 24.38 6.72
N CYS B 47 0.12 25.61 6.38
CA CYS B 47 1.51 25.87 6.04
C CYS B 47 2.30 26.00 7.34
N THR B 48 3.16 25.02 7.61
CA THR B 48 3.87 24.96 8.87
C THR B 48 5.08 25.89 8.91
N THR B 49 5.48 26.47 7.79
CA THR B 49 6.64 27.34 7.72
C THR B 49 6.28 28.83 7.67
N GLY B 50 4.99 29.16 7.65
CA GLY B 50 4.57 30.55 7.60
C GLY B 50 3.46 30.77 6.60
N LYS B 51 3.63 31.75 5.71
CA LYS B 51 2.68 31.99 4.64
C LYS B 51 3.12 31.23 3.39
N LEU B 52 2.17 30.59 2.73
CA LEU B 52 2.47 29.79 1.56
C LEU B 52 2.93 30.70 0.42
N PRO B 53 4.06 30.40 -0.22
CA PRO B 53 4.53 31.24 -1.33
C PRO B 53 3.83 31.01 -2.65
N VAL B 54 2.89 30.06 -2.71
CA VAL B 54 2.13 29.78 -3.93
C VAL B 54 0.66 29.68 -3.54
N PRO B 55 -0.25 29.91 -4.50
CA PRO B 55 -1.68 29.79 -4.18
C PRO B 55 -2.05 28.39 -3.72
N TRP B 56 -2.92 28.32 -2.71
CA TRP B 56 -3.40 27.03 -2.22
C TRP B 56 -4.03 26.17 -3.31
N PRO B 57 -4.88 26.69 -4.21
CA PRO B 57 -5.46 25.81 -5.24
C PRO B 57 -4.43 25.15 -6.14
N THR B 58 -3.22 25.70 -6.26
CA THR B 58 -2.21 25.08 -7.11
C THR B 58 -1.66 23.80 -6.51
N LEU B 59 -1.86 23.57 -5.21
CA LEU B 59 -1.35 22.40 -4.52
C LEU B 59 -2.44 21.36 -4.22
N VAL B 60 -3.65 21.57 -4.73
CA VAL B 60 -4.76 20.67 -4.39
C VAL B 60 -4.51 19.27 -4.91
N THR B 61 -4.19 19.14 -6.21
CA THR B 61 -4.00 17.81 -6.80
C THR B 61 -2.79 17.10 -6.20
N THR B 62 -1.78 17.84 -5.73
CA THR B 62 -0.62 17.21 -5.12
C THR B 62 -0.95 16.70 -3.72
N LEU B 63 -1.78 17.43 -2.98
CA LEU B 63 -2.19 17.02 -1.64
C LEU B 63 -3.24 15.91 -1.71
N1 CRO B 64 -4.32 16.02 -2.64
CA1 CRO B 64 -5.40 15.08 -2.92
CB1 CRO B 64 -6.75 15.75 -2.69
CG1 CRO B 64 -6.92 15.96 -1.18
OG1 CRO B 64 -6.82 16.98 -3.34
C1 CRO B 64 -5.22 14.44 -4.31
N2 CRO B 64 -5.93 14.73 -5.50
N3 CRO B 64 -4.26 13.44 -4.45
C2 CRO B 64 -4.29 12.99 -5.86
O2 CRO B 64 -3.61 12.16 -6.39
CA2 CRO B 64 -5.41 13.87 -6.56
CA3 CRO B 64 -3.37 12.93 -3.39
C3 CRO B 64 -3.18 11.41 -3.53
O3 CRO B 64 -2.18 10.85 -3.03
CB2 CRO B 64 -6.22 14.32 -7.55
CG2 CRO B 64 -7.35 15.38 -7.73
CD1 CRO B 64 -8.05 16.12 -6.77
CD2 CRO B 64 -7.68 15.56 -9.07
CE1 CRO B 64 -9.04 17.02 -7.17
CE2 CRO B 64 -8.66 16.46 -9.47
CZ CRO B 64 -9.34 17.20 -8.52
OH CRO B 64 -10.34 18.10 -8.93
N VAL B 65 -4.45 11.45 -2.87
CA VAL B 65 -4.97 10.25 -2.20
C VAL B 65 -6.13 9.66 -2.99
N GLN B 66 -5.85 9.29 -4.24
CA GLN B 66 -6.90 8.79 -5.13
C GLN B 66 -7.38 7.38 -4.77
N CYS B 67 -6.90 6.81 -3.67
CA CYS B 67 -7.43 5.55 -3.17
C CYS B 67 -8.74 5.71 -2.42
N PHE B 68 -9.25 6.94 -2.27
CA PHE B 68 -10.52 7.18 -1.60
C PHE B 68 -11.63 7.53 -2.58
N SER B 69 -11.41 7.35 -3.88
CA SER B 69 -12.49 7.51 -4.85
C SER B 69 -13.54 6.42 -4.64
N ARG B 70 -14.73 6.66 -5.17
CA ARG B 70 -15.80 5.66 -5.15
C ARG B 70 -15.79 4.93 -6.49
N TYR B 71 -15.42 3.66 -6.47
CA TYR B 71 -15.54 2.80 -7.63
C TYR B 71 -16.82 2.00 -7.53
N PRO B 72 -17.76 2.16 -8.47
CA PRO B 72 -18.98 1.34 -8.44
C PRO B 72 -18.64 -0.14 -8.47
N ASP B 73 -19.58 -0.95 -7.95
CA ASP B 73 -19.34 -2.38 -7.84
C ASP B 73 -19.08 -3.03 -9.19
N HIS B 74 -19.61 -2.45 -10.26
CA HIS B 74 -19.45 -3.04 -11.58
C HIS B 74 -18.11 -2.68 -12.24
N MET B 75 -17.30 -1.84 -11.61
CA MET B 75 -15.95 -1.56 -12.10
C MET B 75 -14.95 -1.56 -10.95
N LYS B 76 -15.18 -2.41 -9.94
CA LYS B 76 -14.24 -2.52 -8.83
C LYS B 76 -12.98 -3.30 -9.21
N GLN B 77 -12.97 -3.97 -10.36
CA GLN B 77 -11.75 -4.62 -10.82
C GLN B 77 -10.77 -3.64 -11.45
N HIS B 78 -11.17 -2.37 -11.62
CA HIS B 78 -10.33 -1.34 -12.20
C HIS B 78 -9.80 -0.37 -11.16
N ASP B 79 -9.81 -0.76 -9.89
CA ASP B 79 -9.41 0.12 -8.78
C ASP B 79 -7.96 -0.19 -8.42
N PHE B 80 -7.04 0.40 -9.19
CA PHE B 80 -5.61 0.18 -8.94
C PHE B 80 -5.19 0.66 -7.56
N PHE B 81 -5.71 1.83 -7.13
CA PHE B 81 -5.18 2.50 -5.96
C PHE B 81 -5.38 1.67 -4.70
N LYS B 82 -6.61 1.17 -4.48
CA LYS B 82 -6.87 0.38 -3.29
C LYS B 82 -6.18 -0.98 -3.33
N SER B 83 -6.03 -1.56 -4.52
CA SER B 83 -5.40 -2.88 -4.63
C SER B 83 -3.94 -2.84 -4.21
N ALA B 84 -3.27 -1.70 -4.38
CA ALA B 84 -1.88 -1.56 -3.99
C ALA B 84 -1.70 -1.42 -2.48
N MET B 85 -2.78 -1.30 -1.72
CA MET B 85 -2.71 -1.16 -0.28
C MET B 85 -2.60 -2.52 0.39
N PRO B 86 -2.02 -2.59 1.60
CA PRO B 86 -1.54 -1.47 2.43
C PRO B 86 -0.11 -1.04 2.15
N GLU B 87 0.59 -1.74 1.26
CA GLU B 87 1.97 -1.39 0.96
C GLU B 87 2.07 -0.02 0.30
N GLY B 88 1.12 0.30 -0.59
CA GLY B 88 1.03 1.61 -1.17
C GLY B 88 1.61 1.69 -2.57
N TYR B 89 1.63 2.91 -3.10
CA TYR B 89 2.14 3.17 -4.43
C TYR B 89 2.92 4.47 -4.43
N VAL B 90 3.73 4.64 -5.48
CA VAL B 90 4.48 5.87 -5.71
C VAL B 90 3.73 6.71 -6.74
N GLN B 91 3.50 7.98 -6.42
CA GLN B 91 2.80 8.90 -7.30
C GLN B 91 3.76 9.99 -7.74
N GLU B 92 3.98 10.09 -9.06
CA GLU B 92 4.89 11.05 -9.65
C GLU B 92 4.16 11.90 -10.68
N ARG B 93 4.31 13.21 -10.57
CA ARG B 93 3.62 14.14 -11.47
C ARG B 93 4.58 15.15 -12.04
N THR B 94 4.22 15.67 -13.22
CA THR B 94 4.80 16.89 -13.76
C THR B 94 3.63 17.76 -14.22
N ILE B 95 3.41 18.87 -13.53
CA ILE B 95 2.28 19.75 -13.78
C ILE B 95 2.78 20.94 -14.58
N PHE B 96 2.23 21.15 -15.77
CA PHE B 96 2.63 22.24 -16.64
C PHE B 96 1.58 23.35 -16.55
N PHE B 97 1.95 24.47 -15.96
CA PHE B 97 1.13 25.67 -15.99
C PHE B 97 1.48 26.46 -17.25
N LYS B 98 0.48 26.63 -18.12
CA LYS B 98 0.75 27.19 -19.45
C LYS B 98 1.29 28.61 -19.35
N ASP B 99 2.33 28.88 -20.14
CA ASP B 99 3.03 30.17 -20.13
C ASP B 99 3.56 30.51 -18.74
N ASP B 100 4.02 29.49 -18.02
CA ASP B 100 4.60 29.67 -16.70
C ASP B 100 5.44 28.43 -16.39
N GLY B 101 5.88 28.30 -15.14
CA GLY B 101 6.73 27.21 -14.74
C GLY B 101 5.96 25.91 -14.56
N ASN B 102 6.65 24.93 -13.98
CA ASN B 102 6.09 23.61 -13.79
C ASN B 102 6.45 23.07 -12.41
N TYR B 103 5.60 22.17 -11.91
CA TYR B 103 5.86 21.39 -10.72
C TYR B 103 6.36 20.00 -11.10
N LYS B 104 7.17 19.42 -10.23
CA LYS B 104 7.57 18.02 -10.32
C LYS B 104 7.44 17.42 -8.93
N THR B 105 6.43 16.56 -8.74
CA THR B 105 6.12 16.00 -7.44
C THR B 105 6.41 14.51 -7.41
N ARG B 106 6.83 14.03 -6.25
CA ARG B 106 7.02 12.61 -6.00
C ARG B 106 6.46 12.30 -4.61
N ALA B 107 5.61 11.28 -4.53
CA ALA B 107 4.89 11.01 -3.29
C ALA B 107 4.75 9.51 -3.08
N GLU B 108 4.75 9.11 -1.80
CA GLU B 108 4.43 7.77 -1.38
C GLU B 108 3.11 7.81 -0.63
N VAL B 109 2.14 7.02 -1.07
CA VAL B 109 0.81 6.95 -0.47
C VAL B 109 0.65 5.54 0.07
N LYS B 110 0.69 5.40 1.39
CA LYS B 110 0.66 4.09 2.02
C LYS B 110 0.03 4.18 3.40
N PHE B 111 -0.23 3.02 3.99
CA PHE B 111 -0.76 2.94 5.34
C PHE B 111 0.39 2.91 6.35
N GLU B 112 0.32 3.79 7.35
CA GLU B 112 1.24 3.77 8.48
C GLU B 112 0.38 3.72 9.74
N GLY B 113 0.44 2.61 10.45
CA GLY B 113 -0.53 2.38 11.51
C GLY B 113 -1.89 2.10 10.89
N ASP B 114 -2.92 2.79 11.36
CA ASP B 114 -4.24 2.72 10.76
C ASP B 114 -4.57 3.95 9.93
N THR B 115 -3.58 4.80 9.67
CA THR B 115 -3.77 6.07 8.97
C THR B 115 -3.18 5.96 7.57
N LEU B 116 -3.95 6.40 6.57
CA LEU B 116 -3.43 6.54 5.22
C LEU B 116 -2.66 7.85 5.13
N VAL B 117 -1.35 7.76 4.87
CA VAL B 117 -0.50 8.94 4.84
C VAL B 117 0.10 9.10 3.45
N ASN B 118 0.25 10.36 3.04
CA ASN B 118 0.79 10.72 1.73
C ASN B 118 1.92 11.73 1.95
N ARG B 119 3.15 11.32 1.64
CA ARG B 119 4.34 12.12 1.87
C ARG B 119 4.90 12.55 0.52
N ILE B 120 5.04 13.87 0.32
CA ILE B 120 5.31 14.43 -1.00
C ILE B 120 6.59 15.27 -0.96
N GLU B 121 7.31 15.26 -2.08
CA GLU B 121 8.39 16.21 -2.36
C GLU B 121 8.03 16.97 -3.63
N LEU B 122 8.11 18.30 -3.57
CA LEU B 122 7.72 19.15 -4.68
C LEU B 122 8.87 20.06 -5.08
N LYS B 123 8.96 20.34 -6.38
CA LYS B 123 9.98 21.23 -6.91
C LYS B 123 9.36 22.06 -8.02
N GLY B 124 9.36 23.39 -7.86
CA GLY B 124 8.87 24.28 -8.89
C GLY B 124 9.97 25.16 -9.45
N ILE B 125 10.01 25.29 -10.78
CA ILE B 125 11.03 26.08 -11.46
C ILE B 125 10.36 26.88 -12.58
N ASP B 126 11.11 27.83 -13.12
CA ASP B 126 10.76 28.53 -14.37
C ASP B 126 9.48 29.36 -14.22
N PHE B 127 9.18 29.83 -13.02
CA PHE B 127 7.95 30.59 -12.78
C PHE B 127 8.19 32.08 -12.96
N LYS B 128 7.14 32.78 -13.40
CA LYS B 128 7.15 34.23 -13.47
C LYS B 128 6.86 34.81 -12.09
N GLU B 129 7.73 35.71 -11.63
CA GLU B 129 7.40 36.46 -10.41
C GLU B 129 6.19 37.36 -10.64
N ASP B 130 5.96 37.79 -11.88
CA ASP B 130 4.79 38.58 -12.23
C ASP B 130 3.61 37.72 -12.67
N GLY B 131 3.80 36.41 -12.79
CA GLY B 131 2.78 35.54 -13.32
C GLY B 131 1.62 35.33 -12.37
N ASN B 132 0.74 34.40 -12.76
CA ASN B 132 -0.46 34.14 -11.97
C ASN B 132 -0.14 33.40 -10.67
N ILE B 133 0.89 32.56 -10.67
CA ILE B 133 1.18 31.75 -9.49
C ILE B 133 1.95 32.57 -8.46
N LEU B 134 3.17 33.02 -8.81
CA LEU B 134 3.96 33.79 -7.88
C LEU B 134 3.40 35.18 -7.64
N GLY B 135 2.62 35.71 -8.58
CA GLY B 135 1.88 36.94 -8.36
C GLY B 135 0.59 36.77 -7.59
N HIS B 136 0.20 35.53 -7.31
CA HIS B 136 -0.98 35.21 -6.49
C HIS B 136 -2.26 35.79 -7.11
N LYS B 137 -2.39 35.65 -8.43
CA LYS B 137 -3.56 36.13 -9.16
C LYS B 137 -4.67 35.09 -9.23
N LEU B 138 -4.58 34.00 -8.47
CA LEU B 138 -5.57 32.93 -8.52
C LEU B 138 -6.69 33.19 -7.54
N GLU B 139 -7.91 32.81 -7.92
CA GLU B 139 -9.04 32.84 -7.01
C GLU B 139 -8.97 31.65 -6.04
N TYR B 140 -9.71 31.77 -4.94
CA TYR B 140 -9.73 30.73 -3.92
C TYR B 140 -10.99 29.87 -4.09
N ASN B 141 -10.99 29.10 -5.18
CA ASN B 141 -12.06 28.16 -5.47
C ASN B 141 -11.50 27.07 -6.38
N TYR B 142 -12.31 26.05 -6.63
CA TYR B 142 -11.87 24.91 -7.43
C TYR B 142 -13.01 24.45 -8.33
N ASN B 143 -12.64 23.84 -9.46
CA ASN B 143 -13.56 23.37 -10.48
C ASN B 143 -13.64 21.85 -10.46
N SER B 144 -14.44 21.31 -11.37
CA SER B 144 -14.65 19.87 -11.52
C SER B 144 -13.99 19.39 -12.80
N HIS B 145 -13.31 18.24 -12.72
CA HIS B 145 -12.49 17.76 -13.82
C HIS B 145 -12.72 16.27 -14.03
N ASN B 146 -12.20 15.77 -15.15
CA ASN B 146 -12.18 14.35 -15.48
C ASN B 146 -10.74 13.85 -15.44
N VAL B 147 -10.49 12.89 -14.56
CA VAL B 147 -9.14 12.35 -14.34
C VAL B 147 -9.06 11.03 -15.09
N TYR B 148 -8.38 11.03 -16.23
CA TYR B 148 -8.36 9.88 -17.12
C TYR B 148 -7.25 8.91 -16.74
N ILE B 149 -7.60 7.63 -16.66
CA ILE B 149 -6.72 6.57 -16.18
C ILE B 149 -6.58 5.50 -17.24
N MET B 150 -5.35 5.05 -17.47
CA MET B 150 -5.07 3.91 -18.32
C MET B 150 -3.92 3.12 -17.73
N ALA B 151 -3.93 1.81 -17.97
CA ALA B 151 -2.92 0.94 -17.39
C ALA B 151 -1.61 1.03 -18.14
N ASP B 152 -0.53 0.72 -17.43
CA ASP B 152 0.81 0.64 -18.02
C ASP B 152 1.41 -0.69 -17.56
N LYS B 153 1.32 -1.70 -18.42
CA LYS B 153 1.71 -3.06 -18.02
C LYS B 153 3.24 -3.24 -17.98
N GLN B 154 3.97 -2.55 -18.85
CA GLN B 154 5.44 -2.62 -18.81
C GLN B 154 6.00 -2.02 -17.53
N LYS B 155 5.20 -1.28 -16.76
CA LYS B 155 5.66 -0.69 -15.51
C LYS B 155 4.79 -1.08 -14.32
N ASN B 156 3.85 -2.01 -14.50
CA ASN B 156 3.06 -2.60 -13.41
C ASN B 156 2.17 -1.56 -12.72
N GLY B 157 1.83 -0.47 -13.40
CA GLY B 157 1.02 0.56 -12.78
C GLY B 157 -0.01 1.18 -13.69
N ILE B 158 -0.21 2.50 -13.56
CA ILE B 158 -1.18 3.21 -14.37
C ILE B 158 -0.55 4.48 -14.92
N LYS B 159 -1.15 5.01 -15.99
CA LYS B 159 -0.84 6.31 -16.55
C LYS B 159 -2.07 7.18 -16.43
N VAL B 160 -1.90 8.38 -15.90
CA VAL B 160 -3.01 9.28 -15.60
C VAL B 160 -2.74 10.64 -16.23
N ASN B 161 -3.78 11.28 -16.77
CA ASN B 161 -3.65 12.59 -17.38
C ASN B 161 -4.95 13.36 -17.23
N PHE B 162 -4.83 14.66 -16.98
CA PHE B 162 -5.97 15.57 -16.88
C PHE B 162 -5.45 17.01 -16.86
N LYS B 163 -6.37 17.95 -17.04
CA LYS B 163 -6.04 19.36 -17.13
C LYS B 163 -6.88 20.15 -16.13
N ILE B 164 -6.22 20.76 -15.16
CA ILE B 164 -6.91 21.54 -14.14
C ILE B 164 -7.14 22.96 -14.65
N ARG B 165 -8.35 23.48 -14.40
CA ARG B 165 -8.72 24.84 -14.78
C ARG B 165 -8.74 25.71 -13.53
N HIS B 166 -7.75 26.60 -13.42
CA HIS B 166 -7.67 27.53 -12.30
C HIS B 166 -8.32 28.85 -12.71
N ASN B 167 -9.23 29.34 -11.87
CA ASN B 167 -9.90 30.61 -12.13
C ASN B 167 -9.04 31.78 -11.68
N ILE B 168 -8.89 32.77 -12.55
CA ILE B 168 -8.06 33.94 -12.29
C ILE B 168 -8.96 35.12 -11.97
N GLU B 169 -8.47 36.01 -11.09
CA GLU B 169 -9.27 37.13 -10.62
C GLU B 169 -9.67 38.10 -11.72
N ASP B 170 -9.06 38.02 -12.91
CA ASP B 170 -9.40 38.91 -14.01
C ASP B 170 -10.33 38.26 -15.01
N GLY B 171 -10.83 37.06 -14.73
CA GLY B 171 -11.77 36.38 -15.59
C GLY B 171 -11.18 35.30 -16.46
N SER B 172 -9.86 35.33 -16.70
CA SER B 172 -9.22 34.31 -17.49
C SER B 172 -9.10 33.02 -16.69
N VAL B 173 -8.68 31.95 -17.37
CA VAL B 173 -8.51 30.63 -16.76
C VAL B 173 -7.08 30.17 -16.96
N GLN B 174 -6.45 29.68 -15.89
CA GLN B 174 -5.10 29.15 -15.92
C GLN B 174 -5.18 27.63 -16.01
N LEU B 175 -4.64 27.06 -17.07
CA LEU B 175 -4.61 25.61 -17.25
C LEU B 175 -3.37 25.02 -16.59
N ALA B 176 -3.55 23.88 -15.92
CA ALA B 176 -2.47 23.14 -15.28
C ALA B 176 -2.48 21.73 -15.84
N ASP B 177 -1.62 21.48 -16.83
CA ASP B 177 -1.59 20.19 -17.52
C ASP B 177 -0.86 19.16 -16.66
N HIS B 178 -1.58 18.12 -16.26
CA HIS B 178 -1.06 17.11 -15.34
C HIS B 178 -0.62 15.86 -16.09
N TYR B 179 0.56 15.34 -15.74
CA TYR B 179 1.07 14.10 -16.29
C TYR B 179 1.54 13.25 -15.12
N GLN B 180 0.94 12.06 -14.97
CA GLN B 180 0.99 11.31 -13.72
C GLN B 180 1.32 9.86 -14.00
N GLN B 181 2.03 9.24 -13.05
CA GLN B 181 2.41 7.83 -13.15
C GLN B 181 2.43 7.24 -11.76
N ASN B 182 1.66 6.16 -11.55
CA ASN B 182 1.62 5.45 -10.29
C ASN B 182 2.19 4.05 -10.47
N THR B 183 3.09 3.67 -9.57
CA THR B 183 3.64 2.33 -9.54
C THR B 183 3.57 1.80 -8.11
N PRO B 184 3.23 0.53 -7.92
CA PRO B 184 3.09 0.00 -6.55
C PRO B 184 4.43 -0.09 -5.84
N ILE B 185 4.41 0.23 -4.55
CA ILE B 185 5.59 0.09 -3.71
C ILE B 185 5.88 -1.38 -3.41
N GLY B 186 4.83 -2.20 -3.28
CA GLY B 186 4.97 -3.58 -2.89
C GLY B 186 5.28 -4.50 -4.07
N ASP B 187 5.53 -5.77 -3.72
CA ASP B 187 5.91 -6.78 -4.70
C ASP B 187 4.72 -7.51 -5.30
N GLY B 188 3.57 -7.51 -4.63
CA GLY B 188 2.44 -8.31 -5.05
C GLY B 188 1.76 -7.79 -6.30
N PRO B 189 0.81 -8.58 -6.81
CA PRO B 189 0.06 -8.15 -7.99
C PRO B 189 -1.01 -7.11 -7.64
N VAL B 190 -1.23 -6.19 -8.58
CA VAL B 190 -2.20 -5.12 -8.43
C VAL B 190 -3.13 -5.12 -9.64
N LEU B 191 -4.31 -4.52 -9.45
CA LEU B 191 -5.30 -4.46 -10.52
C LEU B 191 -4.87 -3.43 -11.57
N LEU B 192 -4.73 -3.87 -12.81
CA LEU B 192 -4.39 -2.98 -13.90
C LEU B 192 -5.65 -2.70 -14.71
N PRO B 193 -6.15 -1.47 -14.71
CA PRO B 193 -7.52 -1.23 -15.18
C PRO B 193 -7.62 -1.07 -16.69
N ASP B 194 -8.86 -1.18 -17.17
CA ASP B 194 -9.18 -0.70 -18.50
C ASP B 194 -9.27 0.83 -18.48
N ASN B 195 -9.30 1.42 -19.67
CA ASN B 195 -9.37 2.88 -19.78
C ASN B 195 -10.67 3.39 -19.16
N HIS B 196 -10.54 4.26 -18.16
CA HIS B 196 -11.67 4.88 -17.50
C HIS B 196 -11.23 6.24 -16.98
N TYR B 197 -12.13 6.92 -16.28
CA TYR B 197 -11.82 8.24 -15.75
C TYR B 197 -12.45 8.41 -14.37
N LEU B 198 -12.03 9.47 -13.69
CA LEU B 198 -12.55 9.85 -12.38
C LEU B 198 -13.25 11.20 -12.49
N SER B 199 -14.39 11.32 -11.82
CA SER B 199 -15.17 12.56 -11.81
C SER B 199 -15.03 13.21 -10.45
N THR B 200 -14.44 14.40 -10.43
CA THR B 200 -14.06 15.08 -9.20
C THR B 200 -14.87 16.36 -9.00
N GLN B 201 -14.95 16.77 -7.74
CA GLN B 201 -15.49 18.07 -7.36
C GLN B 201 -14.89 18.45 -6.00
N SER B 202 -14.65 19.75 -5.81
CA SER B 202 -13.94 20.23 -4.63
C SER B 202 -14.53 21.56 -4.19
N LYS B 203 -14.44 21.81 -2.89
CA LYS B 203 -14.89 23.07 -2.30
C LYS B 203 -13.86 23.53 -1.28
N LEU B 204 -13.24 24.69 -1.54
CA LEU B 204 -12.25 25.25 -0.64
C LEU B 204 -12.91 26.26 0.30
N SER B 205 -12.43 26.30 1.55
CA SER B 205 -12.99 27.21 2.54
C SER B 205 -11.89 27.56 3.54
N LYS B 206 -12.28 28.27 4.59
CA LYS B 206 -11.36 28.68 5.66
C LYS B 206 -11.98 28.36 7.01
N ASP B 207 -11.11 28.03 7.97
CA ASP B 207 -11.52 27.86 9.35
C ASP B 207 -11.44 29.21 10.06
N PRO B 208 -12.56 29.78 10.50
CA PRO B 208 -12.52 31.12 11.11
C PRO B 208 -11.76 31.20 12.42
N ASN B 209 -11.44 30.06 13.05
CA ASN B 209 -10.63 30.05 14.26
C ASN B 209 -9.17 29.67 14.01
N GLU B 210 -8.78 29.48 12.75
CA GLU B 210 -7.42 29.06 12.42
C GLU B 210 -6.58 30.30 12.13
N LYS B 211 -5.52 30.49 12.91
CA LYS B 211 -4.63 31.63 12.70
C LYS B 211 -3.54 31.36 11.67
N ARG B 212 -3.19 30.09 11.45
CA ARG B 212 -2.19 29.78 10.45
C ARG B 212 -2.74 29.96 9.04
N ASP B 213 -1.83 30.17 8.09
CA ASP B 213 -2.17 30.12 6.68
C ASP B 213 -2.59 28.70 6.35
N HIS B 214 -3.83 28.53 5.89
CA HIS B 214 -4.43 27.19 5.88
C HIS B 214 -5.42 27.05 4.73
N MET B 215 -5.94 25.83 4.60
CA MET B 215 -6.96 25.51 3.62
C MET B 215 -7.82 24.36 4.14
N VAL B 216 -9.14 24.55 4.10
CA VAL B 216 -10.10 23.48 4.38
C VAL B 216 -10.65 22.98 3.04
N LEU B 217 -10.62 21.66 2.84
CA LEU B 217 -10.95 21.07 1.55
C LEU B 217 -11.97 19.96 1.73
N LEU B 218 -13.05 20.02 0.95
CA LEU B 218 -14.06 18.99 0.86
C LEU B 218 -14.17 18.54 -0.59
N GLU B 219 -14.06 17.24 -0.83
CA GLU B 219 -13.87 16.72 -2.18
C GLU B 219 -14.61 15.40 -2.34
N PHE B 220 -15.34 15.26 -3.45
CA PHE B 220 -16.04 14.04 -3.80
C PHE B 220 -15.57 13.57 -5.18
N VAL B 221 -15.20 12.30 -5.28
CA VAL B 221 -14.66 11.73 -6.51
C VAL B 221 -15.41 10.44 -6.83
N ARG B 222 -15.89 10.32 -8.07
CA ARG B 222 -16.66 9.16 -8.52
C ARG B 222 -16.05 8.61 -9.80
N ALA B 223 -15.85 7.29 -9.84
CA ALA B 223 -15.34 6.64 -11.04
C ALA B 223 -16.48 6.29 -11.98
N ALA B 224 -16.18 6.32 -13.28
CA ALA B 224 -17.19 6.06 -14.31
C ALA B 224 -16.46 5.73 -15.61
N GLY B 225 -17.23 5.61 -16.70
CA GLY B 225 -16.70 5.37 -18.02
C GLY B 225 -16.74 3.93 -18.49
N ILE B 226 -16.93 2.98 -17.57
CA ILE B 226 -16.91 1.56 -17.89
C ILE B 226 -18.27 0.97 -17.51
N THR B 227 -18.95 0.37 -18.50
CA THR B 227 -20.22 -0.29 -18.25
C THR B 227 -20.14 -1.77 -18.61
N ILE B 236 -25.83 11.58 -22.25
CA ILE B 236 -27.06 11.85 -21.50
C ILE B 236 -27.32 13.35 -21.46
N GLY B 237 -28.43 13.77 -22.08
CA GLY B 237 -28.73 15.18 -22.18
C GLY B 237 -29.13 15.78 -20.84
N THR B 238 -28.70 17.03 -20.62
CA THR B 238 -29.01 17.75 -19.41
C THR B 238 -30.05 18.84 -19.62
N GLY B 239 -30.58 18.97 -20.84
CA GLY B 239 -31.53 20.03 -21.11
C GLY B 239 -32.95 19.66 -20.74
N PHE B 240 -33.79 20.68 -20.68
CA PHE B 240 -35.22 20.54 -20.41
C PHE B 240 -35.97 21.37 -21.44
N PRO B 241 -36.16 20.85 -22.66
CA PRO B 241 -36.75 21.63 -23.75
C PRO B 241 -38.26 21.49 -23.86
N PHE B 242 -38.96 21.62 -22.73
CA PHE B 242 -40.38 21.39 -22.66
C PHE B 242 -41.13 22.68 -22.33
N ASP B 243 -42.22 22.92 -23.04
CA ASP B 243 -43.06 24.09 -22.78
C ASP B 243 -43.71 23.95 -21.40
N PRO B 244 -43.65 24.98 -20.56
CA PRO B 244 -44.28 24.90 -19.23
C PRO B 244 -45.78 25.07 -19.34
N HIS B 245 -46.52 24.12 -18.77
CA HIS B 245 -47.97 24.19 -18.67
C HIS B 245 -48.36 24.29 -17.20
N TYR B 246 -49.41 25.06 -16.94
CA TYR B 246 -49.90 25.26 -15.58
C TYR B 246 -51.40 25.07 -15.54
N VAL B 247 -51.89 24.42 -14.48
CA VAL B 247 -53.31 24.27 -14.23
C VAL B 247 -53.55 24.52 -12.75
N GLU B 248 -54.63 25.23 -12.44
CA GLU B 248 -54.96 25.54 -11.05
C GLU B 248 -55.65 24.33 -10.42
N VAL B 249 -55.04 23.79 -9.37
CA VAL B 249 -55.50 22.58 -8.71
C VAL B 249 -55.65 22.89 -7.23
N LEU B 250 -56.88 22.89 -6.74
CA LEU B 250 -57.18 23.12 -5.32
C LEU B 250 -56.62 24.45 -4.85
N GLY B 251 -56.73 25.47 -5.71
CA GLY B 251 -56.24 26.80 -5.39
C GLY B 251 -54.77 27.04 -5.67
N GLU B 252 -54.02 26.00 -6.03
CA GLU B 252 -52.59 26.12 -6.30
C GLU B 252 -52.31 25.86 -7.78
N ARG B 253 -51.19 26.40 -8.25
CA ARG B 253 -50.77 26.27 -9.63
C ARG B 253 -49.74 25.15 -9.73
N MET B 254 -50.01 24.15 -10.56
CA MET B 254 -49.12 23.01 -10.75
C MET B 254 -48.57 23.02 -12.16
N HIS B 255 -47.26 22.80 -12.27
CA HIS B 255 -46.58 22.76 -13.56
C HIS B 255 -46.52 21.33 -14.09
N TYR B 256 -46.74 21.18 -15.39
CA TYR B 256 -46.65 19.87 -16.01
C TYR B 256 -46.15 20.00 -17.44
N VAL B 257 -45.42 18.97 -17.88
CA VAL B 257 -45.04 18.83 -19.28
C VAL B 257 -46.22 18.23 -20.04
N ASP B 258 -46.44 18.69 -21.27
CA ASP B 258 -47.54 18.18 -22.08
C ASP B 258 -47.08 18.16 -23.54
N VAL B 259 -46.74 16.96 -24.03
CA VAL B 259 -46.29 16.77 -25.39
C VAL B 259 -46.94 15.51 -25.96
N GLY B 260 -46.82 15.34 -27.27
CA GLY B 260 -47.34 14.17 -27.93
C GLY B 260 -48.67 14.41 -28.62
N PRO B 261 -49.11 13.45 -29.43
CA PRO B 261 -50.38 13.62 -30.14
C PRO B 261 -51.54 13.71 -29.17
N ARG B 262 -52.47 14.62 -29.47
CA ARG B 262 -53.57 14.92 -28.55
C ARG B 262 -54.59 13.80 -28.43
N ASP B 263 -54.50 12.77 -29.28
CA ASP B 263 -55.45 11.67 -29.23
C ASP B 263 -54.82 10.48 -28.52
N GLY B 264 -55.52 9.35 -28.55
CA GLY B 264 -55.01 8.12 -27.96
C GLY B 264 -55.07 8.13 -26.45
N THR B 265 -54.30 7.21 -25.86
CA THR B 265 -54.23 7.07 -24.42
C THR B 265 -53.02 7.84 -23.90
N PRO B 266 -53.20 8.85 -23.05
CA PRO B 266 -52.05 9.63 -22.57
C PRO B 266 -51.17 8.81 -21.64
N VAL B 267 -49.92 9.24 -21.55
CA VAL B 267 -48.92 8.61 -20.70
C VAL B 267 -48.56 9.61 -19.59
N LEU B 268 -48.83 9.23 -18.34
CA LEU B 268 -48.63 10.10 -17.20
C LEU B 268 -47.37 9.70 -16.47
N PHE B 269 -46.38 10.59 -16.46
CA PHE B 269 -45.11 10.36 -15.79
C PHE B 269 -45.14 11.00 -14.41
N LEU B 270 -44.85 10.21 -13.38
CA LEU B 270 -44.93 10.66 -11.99
C LEU B 270 -43.59 10.46 -11.31
N HIS B 271 -42.99 11.56 -10.83
CA HIS B 271 -41.71 11.54 -10.17
C HIS B 271 -41.88 11.39 -8.66
N GLY B 272 -40.76 11.26 -7.95
CA GLY B 272 -40.76 11.12 -6.50
C GLY B 272 -39.83 12.12 -5.85
N ASN B 273 -39.16 11.67 -4.79
CA ASN B 273 -38.28 12.47 -3.95
C ASN B 273 -36.82 12.20 -4.32
N PRO B 274 -35.99 13.23 -4.53
CA PRO B 274 -36.29 14.66 -4.49
C PRO B 274 -36.29 15.30 -5.87
N THR B 275 -36.99 14.71 -6.83
CA THR B 275 -36.87 15.06 -8.23
C THR B 275 -38.07 15.88 -8.70
N SER B 276 -38.23 15.98 -10.01
CA SER B 276 -39.36 16.66 -10.64
C SER B 276 -39.60 16.01 -11.98
N SER B 277 -40.33 16.68 -12.87
CA SER B 277 -40.43 16.20 -14.25
C SER B 277 -39.10 16.24 -14.98
N TYR B 278 -38.07 16.83 -14.37
CA TYR B 278 -36.73 16.82 -14.95
C TYR B 278 -36.17 15.40 -15.04
N VAL B 279 -36.64 14.49 -14.18
CA VAL B 279 -36.14 13.12 -14.17
C VAL B 279 -36.66 12.30 -15.34
N TRP B 280 -37.66 12.80 -16.07
CA TRP B 280 -38.19 12.13 -17.25
C TRP B 280 -37.74 12.78 -18.54
N ARG B 281 -36.78 13.71 -18.49
CA ARG B 281 -36.46 14.53 -19.65
C ARG B 281 -35.86 13.70 -20.79
N ASN B 282 -35.15 12.61 -20.47
CA ASN B 282 -34.49 11.78 -21.46
C ASN B 282 -35.30 10.55 -21.83
N ILE B 283 -36.47 10.36 -21.22
CA ILE B 283 -37.36 9.27 -21.55
C ILE B 283 -38.57 9.72 -22.35
N ILE B 284 -39.07 10.94 -22.10
CA ILE B 284 -40.21 11.45 -22.87
C ILE B 284 -39.95 11.46 -24.38
N PRO B 285 -38.76 11.82 -24.88
CA PRO B 285 -38.57 11.80 -26.34
C PRO B 285 -38.75 10.44 -26.99
N HIS B 286 -38.68 9.35 -26.23
CA HIS B 286 -38.94 8.03 -26.82
C HIS B 286 -40.42 7.73 -26.93
N VAL B 287 -41.23 8.27 -26.01
CA VAL B 287 -42.66 8.00 -26.02
C VAL B 287 -43.42 9.05 -26.84
N ALA B 288 -42.94 10.29 -26.86
CA ALA B 288 -43.65 11.39 -27.50
C ALA B 288 -44.00 11.19 -28.97
N PRO B 289 -43.19 10.49 -29.78
CA PRO B 289 -43.56 10.33 -31.20
C PRO B 289 -44.88 9.59 -31.42
N THR B 290 -45.34 8.79 -30.46
CA THR B 290 -46.57 8.01 -30.65
C THR B 290 -47.64 8.25 -29.61
N HIS B 291 -47.30 8.75 -28.42
CA HIS B 291 -48.26 8.87 -27.33
C HIS B 291 -48.12 10.23 -26.67
N ARG B 292 -49.24 10.71 -26.13
CA ARG B 292 -49.23 11.95 -25.36
C ARG B 292 -48.56 11.74 -24.02
N CYS B 293 -47.62 12.61 -23.68
CA CYS B 293 -46.85 12.51 -22.44
C CYS B 293 -47.24 13.66 -21.52
N ILE B 294 -47.67 13.33 -20.31
CA ILE B 294 -48.01 14.30 -19.27
C ILE B 294 -47.13 14.02 -18.07
N ALA B 295 -46.32 15.00 -17.68
CA ALA B 295 -45.40 14.85 -16.56
C ALA B 295 -45.50 16.07 -15.65
N PRO B 296 -46.27 15.98 -14.56
CA PRO B 296 -46.41 17.12 -13.65
C PRO B 296 -45.32 17.13 -12.57
N ASP B 297 -45.12 18.32 -12.03
CA ASP B 297 -44.34 18.49 -10.81
C ASP B 297 -45.27 18.36 -9.62
N LEU B 298 -44.94 17.45 -8.70
CA LEU B 298 -45.73 17.30 -7.49
C LEU B 298 -45.83 18.64 -6.76
N ILE B 299 -46.94 18.81 -6.03
CA ILE B 299 -47.13 20.05 -5.29
C ILE B 299 -45.98 20.24 -4.32
N GLY B 300 -45.50 21.48 -4.21
CA GLY B 300 -44.34 21.78 -3.40
C GLY B 300 -43.01 21.44 -4.03
N MET B 301 -43.00 20.90 -5.25
CA MET B 301 -41.79 20.45 -5.91
C MET B 301 -41.76 20.96 -7.35
N GLY B 302 -40.56 20.97 -7.92
CA GLY B 302 -40.42 21.42 -9.30
C GLY B 302 -40.82 22.87 -9.44
N LYS B 303 -41.64 23.15 -10.46
CA LYS B 303 -42.15 24.49 -10.71
C LYS B 303 -43.61 24.64 -10.29
N SER B 304 -44.08 23.83 -9.35
CA SER B 304 -45.43 23.93 -8.85
C SER B 304 -45.48 24.87 -7.64
N ASP B 305 -46.69 25.29 -7.29
CA ASP B 305 -46.87 26.11 -6.11
C ASP B 305 -46.44 25.35 -4.85
N LYS B 306 -46.06 26.11 -3.83
CA LYS B 306 -45.55 25.57 -2.57
C LYS B 306 -46.37 26.12 -1.41
N PRO B 307 -47.60 25.63 -1.23
CA PRO B 307 -48.42 26.08 -0.10
C PRO B 307 -47.89 25.56 1.22
N ASP B 308 -48.39 26.15 2.30
CA ASP B 308 -47.96 25.82 3.65
C ASP B 308 -48.60 24.50 4.06
N LEU B 309 -47.98 23.40 3.62
CA LEU B 309 -48.47 22.06 3.88
C LEU B 309 -47.48 21.30 4.73
N GLY B 310 -47.96 20.19 5.32
CA GLY B 310 -47.05 19.21 5.89
C GLY B 310 -46.46 18.28 4.87
N TYR B 311 -47.05 18.24 3.67
CA TYR B 311 -46.56 17.45 2.54
C TYR B 311 -46.51 15.96 2.87
N PHE B 312 -47.53 15.49 3.59
CA PHE B 312 -47.72 14.06 3.79
C PHE B 312 -48.10 13.39 2.47
N PHE B 313 -48.15 12.06 2.49
CA PHE B 313 -48.59 11.34 1.30
C PHE B 313 -50.03 11.69 0.94
N ASP B 314 -50.87 11.92 1.95
CA ASP B 314 -52.28 12.21 1.68
C ASP B 314 -52.45 13.60 1.07
N ASP B 315 -51.55 14.54 1.35
CA ASP B 315 -51.58 15.81 0.67
C ASP B 315 -51.27 15.64 -0.82
N HIS B 316 -50.31 14.79 -1.15
CA HIS B 316 -49.98 14.53 -2.55
C HIS B 316 -51.08 13.75 -3.25
N VAL B 317 -51.81 12.92 -2.52
CA VAL B 317 -52.92 12.17 -3.12
C VAL B 317 -54.03 13.12 -3.56
N ARG B 318 -54.40 14.07 -2.69
CA ARG B 318 -55.49 14.99 -3.01
C ARG B 318 -55.15 15.85 -4.22
N PHE B 319 -53.91 16.35 -4.30
CA PHE B 319 -53.54 17.20 -5.42
C PHE B 319 -53.38 16.39 -6.70
N MET B 320 -52.86 15.16 -6.61
CA MET B 320 -52.76 14.34 -7.79
C MET B 320 -54.13 13.88 -8.27
N ASP B 321 -55.04 13.58 -7.34
CA ASP B 321 -56.42 13.31 -7.71
C ASP B 321 -57.02 14.49 -8.47
N ALA B 322 -56.85 15.70 -7.94
CA ALA B 322 -57.43 16.87 -8.58
C ALA B 322 -56.71 17.28 -9.85
N PHE B 323 -55.44 16.90 -10.00
CA PHE B 323 -54.73 17.19 -11.24
C PHE B 323 -55.25 16.34 -12.39
N ILE B 324 -55.49 15.06 -12.13
CA ILE B 324 -55.98 14.17 -13.19
C ILE B 324 -57.36 14.60 -13.65
N GLU B 325 -58.21 15.04 -12.72
CA GLU B 325 -59.53 15.51 -13.11
C GLU B 325 -59.50 16.88 -13.77
N ALA B 326 -58.54 17.73 -13.40
CA ALA B 326 -58.44 19.05 -14.02
C ALA B 326 -58.13 18.94 -15.50
N LEU B 327 -57.28 17.98 -15.88
CA LEU B 327 -56.98 17.76 -17.29
C LEU B 327 -58.05 16.97 -18.03
N GLY B 328 -59.01 16.39 -17.31
CA GLY B 328 -60.08 15.63 -17.94
C GLY B 328 -59.63 14.28 -18.49
N LEU B 329 -58.73 13.60 -17.78
CA LEU B 329 -58.20 12.33 -18.24
C LEU B 329 -59.19 11.21 -17.97
N GLU B 330 -59.45 10.40 -19.01
CA GLU B 330 -60.30 9.22 -18.86
C GLU B 330 -59.45 8.02 -18.50
N GLU B 331 -58.90 7.34 -19.50
CA GLU B 331 -57.96 6.25 -19.29
C GLU B 331 -56.54 6.77 -19.48
N VAL B 332 -55.59 6.15 -18.77
CA VAL B 332 -54.20 6.59 -18.78
C VAL B 332 -53.26 5.39 -18.75
N VAL B 333 -52.00 5.64 -19.11
CA VAL B 333 -50.90 4.73 -18.89
C VAL B 333 -49.93 5.41 -17.93
N LEU B 334 -49.55 4.71 -16.87
CA LEU B 334 -48.79 5.30 -15.77
C LEU B 334 -47.33 4.86 -15.85
N VAL B 335 -46.43 5.83 -15.95
CA VAL B 335 -44.99 5.62 -15.75
C VAL B 335 -44.65 6.29 -14.43
N ILE B 336 -44.24 5.49 -13.44
CA ILE B 336 -44.15 5.96 -12.07
C ILE B 336 -42.85 5.47 -11.43
N HIS B 337 -42.34 6.26 -10.49
CA HIS B 337 -41.05 5.98 -9.86
C HIS B 337 -41.02 6.60 -8.48
N ASP B 338 -40.46 5.86 -7.52
CA ASP B 338 -40.28 6.32 -6.13
C ASP B 338 -41.65 6.68 -5.58
N TRP B 339 -41.84 7.87 -5.00
CA TRP B 339 -43.15 8.21 -4.44
C TRP B 339 -44.19 8.46 -5.53
N GLY B 340 -43.78 8.67 -6.77
CA GLY B 340 -44.75 8.70 -7.86
C GLY B 340 -45.41 7.36 -8.06
N SER B 341 -44.73 6.29 -7.65
CA SER B 341 -45.31 4.96 -7.78
C SER B 341 -46.38 4.73 -6.72
N ALA B 342 -46.11 5.14 -5.48
CA ALA B 342 -47.12 5.08 -4.43
C ALA B 342 -48.37 5.85 -4.86
N LEU B 343 -48.20 7.02 -5.47
CA LEU B 343 -49.33 7.75 -6.02
C LEU B 343 -49.95 7.01 -7.20
N GLY B 344 -49.11 6.46 -8.09
CA GLY B 344 -49.63 5.81 -9.28
C GLY B 344 -50.36 4.51 -8.96
N PHE B 345 -49.77 3.67 -8.11
CA PHE B 345 -50.43 2.41 -7.75
C PHE B 345 -51.69 2.67 -6.93
N HIS B 346 -51.66 3.66 -6.05
CA HIS B 346 -52.83 3.94 -5.22
C HIS B 346 -53.99 4.48 -6.05
N TRP B 347 -53.69 5.31 -7.05
CA TRP B 347 -54.73 5.79 -7.95
C TRP B 347 -55.30 4.65 -8.78
N ALA B 348 -54.44 3.72 -9.21
CA ALA B 348 -54.89 2.61 -10.05
C ALA B 348 -55.81 1.67 -9.28
N LYS B 349 -55.47 1.36 -8.04
CA LYS B 349 -56.32 0.47 -7.23
C LYS B 349 -57.73 1.04 -7.09
N ARG B 350 -57.85 2.36 -6.92
CA ARG B 350 -59.14 3.00 -6.76
C ARG B 350 -59.85 3.23 -8.08
N ASN B 351 -59.12 3.29 -9.20
CA ASN B 351 -59.69 3.48 -10.53
C ASN B 351 -59.13 2.45 -11.49
N PRO B 352 -59.41 1.16 -11.26
CA PRO B 352 -58.76 0.12 -12.08
C PRO B 352 -59.22 0.12 -13.53
N GLU B 353 -60.46 0.51 -13.81
CA GLU B 353 -60.96 0.51 -15.18
C GLU B 353 -60.34 1.61 -16.03
N ARG B 354 -59.60 2.55 -15.43
CA ARG B 354 -59.03 3.67 -16.15
C ARG B 354 -57.52 3.57 -16.30
N VAL B 355 -56.93 2.41 -16.00
CA VAL B 355 -55.49 2.20 -16.13
C VAL B 355 -55.28 1.09 -17.15
N LYS B 356 -54.68 1.44 -18.28
CA LYS B 356 -54.45 0.49 -19.37
C LYS B 356 -53.07 -0.15 -19.32
N GLY B 357 -52.21 0.29 -18.40
CA GLY B 357 -50.87 -0.25 -18.30
C GLY B 357 -50.03 0.53 -17.30
N ILE B 358 -49.14 -0.15 -16.59
CA ILE B 358 -48.30 0.47 -15.56
C ILE B 358 -46.85 0.07 -15.81
N ALA B 359 -46.02 1.06 -16.13
CA ALA B 359 -44.57 0.91 -16.13
C ALA B 359 -44.04 1.55 -14.86
N PHE B 360 -43.22 0.80 -14.11
CA PHE B 360 -42.78 1.25 -12.80
C PHE B 360 -41.33 0.84 -12.58
N MET B 361 -40.69 1.52 -11.62
CA MET B 361 -39.28 1.31 -11.33
C MET B 361 -38.98 1.90 -9.96
N GLU B 362 -38.12 1.21 -9.21
CA GLU B 362 -37.72 1.60 -7.85
C GLU B 362 -38.91 2.17 -7.08
N PHE B 363 -39.91 1.32 -6.91
CA PHE B 363 -41.22 1.73 -6.44
C PHE B 363 -41.38 1.49 -4.95
N ILE B 364 -42.39 2.13 -4.38
CA ILE B 364 -42.69 2.01 -2.95
C ILE B 364 -43.33 0.65 -2.69
N ARG B 365 -42.62 -0.18 -1.93
CA ARG B 365 -43.12 -1.47 -1.45
C ARG B 365 -42.93 -1.52 0.06
N PRO B 366 -43.67 -2.37 0.75
CA PRO B 366 -43.46 -2.51 2.21
C PRO B 366 -42.12 -3.18 2.47
N ILE B 367 -41.23 -2.46 3.16
CA ILE B 367 -39.94 -3.00 3.57
C ILE B 367 -40.12 -3.62 4.96
N PRO B 368 -40.14 -4.94 5.09
CA PRO B 368 -40.48 -5.55 6.39
C PRO B 368 -39.49 -5.24 7.49
N THR B 369 -38.19 -5.18 7.18
CA THR B 369 -37.18 -4.91 8.20
C THR B 369 -36.11 -4.00 7.62
N TRP B 370 -35.34 -3.38 8.52
CA TRP B 370 -34.31 -2.44 8.11
C TRP B 370 -33.13 -3.12 7.44
N ASP B 371 -32.95 -4.43 7.63
CA ASP B 371 -31.85 -5.11 6.96
C ASP B 371 -32.10 -5.30 5.47
N GLU B 372 -33.32 -5.08 5.00
CA GLU B 372 -33.59 -5.06 3.56
C GLU B 372 -33.21 -3.74 2.92
N TRP B 373 -32.84 -2.74 3.71
CA TRP B 373 -32.35 -1.46 3.22
C TRP B 373 -30.84 -1.56 2.95
N PRO B 374 -30.35 -0.87 1.92
CA PRO B 374 -28.90 -0.87 1.66
C PRO B 374 -28.11 -0.46 2.89
N ARG B 375 -27.09 -1.26 3.21
CA ARG B 375 -26.41 -1.13 4.50
C ARG B 375 -25.76 0.24 4.66
N PHE B 376 -25.21 0.80 3.58
CA PHE B 376 -24.52 2.08 3.69
C PHE B 376 -25.50 3.23 3.89
N ALA B 377 -26.78 3.06 3.57
CA ALA B 377 -27.77 4.10 3.71
C ALA B 377 -28.69 3.90 4.91
N ARG B 378 -28.47 2.86 5.71
CA ARG B 378 -29.36 2.60 6.84
C ARG B 378 -29.25 3.70 7.90
N ARG B 379 -28.02 4.04 8.28
CA ARG B 379 -27.78 5.03 9.33
C ARG B 379 -28.35 6.40 8.96
N THR B 380 -28.21 6.79 7.69
CA THR B 380 -28.65 8.12 7.26
C THR B 380 -30.17 8.23 7.25
N PHE B 381 -30.84 7.27 6.60
CA PHE B 381 -32.29 7.32 6.53
C PHE B 381 -32.94 7.16 7.91
N GLN B 382 -32.29 6.42 8.80
CA GLN B 382 -32.77 6.37 10.18
C GLN B 382 -32.65 7.72 10.85
N ALA B 383 -31.58 8.47 10.54
CA ALA B 383 -31.45 9.83 11.04
C ALA B 383 -32.43 10.78 10.34
N PHE B 384 -32.72 10.54 9.06
CA PHE B 384 -33.74 11.32 8.37
C PHE B 384 -35.08 11.21 9.05
N ARG B 385 -35.40 10.05 9.62
CA ARG B 385 -36.70 9.77 10.20
C ARG B 385 -36.80 10.20 11.66
N THR B 386 -36.32 11.42 11.94
CA THR B 386 -36.45 12.05 13.25
C THR B 386 -36.85 13.50 13.04
N THR B 387 -37.40 14.10 14.10
CA THR B 387 -37.83 15.50 14.05
C THR B 387 -36.71 16.48 14.36
N ASP B 388 -35.67 16.04 15.07
CA ASP B 388 -34.55 16.94 15.43
C ASP B 388 -33.42 16.82 14.41
N VAL B 389 -32.74 15.67 14.39
CA VAL B 389 -31.61 15.50 13.49
C VAL B 389 -32.08 15.49 12.03
N GLY B 390 -33.20 14.82 11.76
CA GLY B 390 -33.65 14.69 10.38
C GLY B 390 -33.97 16.01 9.72
N ARG B 391 -34.48 16.98 10.49
CA ARG B 391 -34.80 18.27 9.90
C ARG B 391 -33.56 19.14 9.73
N LYS B 392 -32.57 19.02 10.62
CA LYS B 392 -31.31 19.74 10.44
C LYS B 392 -30.60 19.29 9.18
N LEU B 393 -30.64 17.98 8.88
CA LEU B 393 -29.97 17.48 7.70
C LEU B 393 -30.70 17.89 6.43
N ILE B 394 -32.01 17.66 6.37
CA ILE B 394 -32.76 17.86 5.14
C ILE B 394 -33.19 19.31 4.95
N ILE B 395 -33.68 19.96 6.01
CA ILE B 395 -34.16 21.34 5.87
C ILE B 395 -33.00 22.32 5.92
N ASP B 396 -32.17 22.24 6.97
CA ASP B 396 -31.11 23.23 7.18
C ASP B 396 -29.95 23.04 6.21
N GLN B 397 -29.50 21.80 6.01
CA GLN B 397 -28.30 21.54 5.23
C GLN B 397 -28.59 20.99 3.84
N ASN B 398 -29.85 20.72 3.50
CA ASN B 398 -30.25 20.25 2.18
C ASN B 398 -29.49 18.99 1.78
N VAL B 399 -29.34 18.06 2.73
CA VAL B 399 -28.53 16.87 2.51
C VAL B 399 -29.19 15.95 1.48
N PHE B 400 -30.52 15.93 1.41
CA PHE B 400 -31.19 15.05 0.45
C PHE B 400 -30.92 15.50 -0.99
N ILE B 401 -30.71 16.80 -1.20
CA ILE B 401 -30.41 17.31 -2.53
C ILE B 401 -28.92 17.27 -2.82
N GLU B 402 -28.09 17.67 -1.86
CA GLU B 402 -26.65 17.72 -2.10
C GLU B 402 -25.98 16.36 -1.94
N GLY B 403 -26.55 15.47 -1.13
CA GLY B 403 -25.89 14.21 -0.83
C GLY B 403 -26.63 12.97 -1.27
N THR B 404 -27.89 12.84 -0.86
CA THR B 404 -28.64 11.62 -1.15
C THR B 404 -28.93 11.50 -2.64
N LEU B 405 -29.20 12.61 -3.32
CA LEU B 405 -29.51 12.56 -4.74
C LEU B 405 -28.32 12.08 -5.57
N PRO B 406 -27.11 12.63 -5.43
CA PRO B 406 -25.98 12.07 -6.19
C PRO B 406 -25.60 10.66 -5.76
N MET B 407 -25.87 10.28 -4.51
CA MET B 407 -25.65 8.90 -4.10
C MET B 407 -26.72 7.96 -4.65
N GLY B 408 -27.82 8.48 -5.16
CA GLY B 408 -28.85 7.69 -5.79
C GLY B 408 -28.65 7.44 -7.26
N VAL B 409 -27.51 7.85 -7.82
CA VAL B 409 -27.17 7.61 -9.21
C VAL B 409 -25.77 6.99 -9.25
N VAL B 410 -25.59 6.00 -10.13
CA VAL B 410 -24.30 5.33 -10.23
C VAL B 410 -23.30 6.17 -11.01
N ARG B 411 -23.73 6.76 -12.12
CA ARG B 411 -22.86 7.68 -12.84
C ARG B 411 -22.85 9.05 -12.15
N PRO B 412 -21.77 9.80 -12.28
CA PRO B 412 -21.69 11.10 -11.60
C PRO B 412 -22.60 12.13 -12.26
N LEU B 413 -23.43 12.78 -11.45
CA LEU B 413 -24.26 13.87 -11.96
C LEU B 413 -23.39 15.08 -12.27
N THR B 414 -23.75 15.79 -13.33
CA THR B 414 -23.01 16.99 -13.69
C THR B 414 -23.54 18.19 -12.90
N GLU B 415 -22.80 19.30 -12.99
CA GLU B 415 -23.19 20.51 -12.28
C GLU B 415 -24.50 21.07 -12.82
N VAL B 416 -24.69 21.02 -14.14
CA VAL B 416 -25.92 21.51 -14.75
C VAL B 416 -27.12 20.71 -14.25
N GLU B 417 -26.98 19.39 -14.18
CA GLU B 417 -28.06 18.55 -13.69
C GLU B 417 -28.32 18.82 -12.20
N MET B 418 -27.27 19.00 -11.41
CA MET B 418 -27.44 19.27 -9.99
C MET B 418 -28.16 20.59 -9.77
N ASP B 419 -27.89 21.58 -10.62
CA ASP B 419 -28.55 22.89 -10.46
C ASP B 419 -30.00 22.86 -10.90
N HIS B 420 -30.37 21.94 -11.79
CA HIS B 420 -31.77 21.76 -12.13
C HIS B 420 -32.55 21.20 -10.94
N TYR B 421 -31.94 20.28 -10.19
CA TYR B 421 -32.56 19.73 -9.00
C TYR B 421 -32.48 20.65 -7.79
N ARG B 422 -31.54 21.60 -7.79
CA ARG B 422 -31.41 22.53 -6.67
C ARG B 422 -32.46 23.64 -6.71
N GLU B 423 -32.81 24.11 -7.91
CA GLU B 423 -33.60 25.33 -8.06
C GLU B 423 -34.88 25.37 -7.25
N PRO B 424 -35.71 24.32 -7.19
CA PRO B 424 -36.96 24.44 -6.43
C PRO B 424 -36.77 24.57 -4.92
N PHE B 425 -35.60 24.25 -4.39
CA PHE B 425 -35.40 24.21 -2.94
C PHE B 425 -34.26 25.13 -2.49
N LEU B 426 -34.11 26.28 -3.15
CA LEU B 426 -33.11 27.24 -2.74
C LEU B 426 -33.46 27.89 -1.40
N ASN B 427 -34.75 28.03 -1.11
CA ASN B 427 -35.21 28.57 0.16
C ASN B 427 -35.42 27.42 1.13
N PRO B 428 -34.71 27.39 2.27
CA PRO B 428 -34.84 26.24 3.18
C PRO B 428 -36.25 25.97 3.67
N VAL B 429 -37.13 26.98 3.70
CA VAL B 429 -38.49 26.74 4.14
C VAL B 429 -39.29 25.95 3.10
N ASP B 430 -38.78 25.86 1.87
CA ASP B 430 -39.46 25.13 0.80
C ASP B 430 -39.15 23.64 0.79
N ARG B 431 -38.33 23.15 1.73
CA ARG B 431 -37.83 21.78 1.70
C ARG B 431 -38.63 20.84 2.59
N GLU B 432 -39.83 21.25 3.01
CA GLU B 432 -40.65 20.36 3.85
C GLU B 432 -40.95 19.02 3.20
N PRO B 433 -41.34 18.94 1.92
CA PRO B 433 -41.62 17.61 1.33
C PRO B 433 -40.39 16.72 1.25
N LEU B 434 -39.18 17.30 1.24
CA LEU B 434 -37.97 16.49 1.18
C LEU B 434 -37.73 15.71 2.46
N TRP B 435 -38.32 16.15 3.58
CA TRP B 435 -38.16 15.48 4.86
C TRP B 435 -39.37 14.65 5.25
N ARG B 436 -40.57 15.06 4.84
CA ARG B 436 -41.76 14.27 5.15
C ARG B 436 -41.80 12.97 4.35
N PHE B 437 -41.28 12.99 3.11
CA PHE B 437 -41.29 11.78 2.27
C PHE B 437 -40.50 10.62 2.89
N PRO B 438 -39.24 10.78 3.33
CA PRO B 438 -38.57 9.66 4.00
C PRO B 438 -39.21 9.25 5.31
N ASN B 439 -39.94 10.15 5.96
CA ASN B 439 -40.67 9.79 7.17
C ASN B 439 -41.97 9.06 6.87
N GLU B 440 -42.45 9.10 5.62
CA GLU B 440 -43.60 8.33 5.19
C GLU B 440 -43.21 6.95 4.66
N LEU B 441 -41.92 6.68 4.48
CA LEU B 441 -41.48 5.43 3.86
C LEU B 441 -41.92 4.25 4.71
N PRO B 442 -42.59 3.25 4.13
CA PRO B 442 -43.01 2.08 4.91
C PRO B 442 -41.88 1.10 5.16
N ILE B 443 -41.16 1.28 6.28
CA ILE B 443 -40.03 0.43 6.64
C ILE B 443 -40.25 -0.05 8.07
N ALA B 444 -40.15 -1.37 8.27
CA ALA B 444 -40.27 -1.99 9.59
C ALA B 444 -41.63 -1.71 10.24
N GLY B 445 -42.66 -1.54 9.42
CA GLY B 445 -44.01 -1.35 9.93
C GLY B 445 -44.36 0.05 10.36
N GLU B 446 -43.52 1.05 10.05
CA GLU B 446 -43.80 2.43 10.43
C GLU B 446 -43.52 3.35 9.25
N PRO B 447 -44.41 4.32 8.99
CA PRO B 447 -45.67 4.55 9.71
C PRO B 447 -46.75 3.56 9.32
N ALA B 448 -47.52 3.10 10.31
CA ALA B 448 -48.46 2.00 10.07
C ALA B 448 -49.53 2.37 9.04
N ASN B 449 -49.89 3.65 8.95
CA ASN B 449 -50.93 4.04 8.00
C ASN B 449 -50.45 3.97 6.56
N ILE B 450 -49.17 4.26 6.32
CA ILE B 450 -48.64 4.15 4.97
C ILE B 450 -48.33 2.70 4.61
N VAL B 451 -47.84 1.93 5.58
CA VAL B 451 -47.64 0.49 5.38
C VAL B 451 -48.95 -0.15 4.93
N ALA B 452 -50.05 0.17 5.64
CA ALA B 452 -51.34 -0.43 5.31
C ALA B 452 -51.83 0.00 3.94
N LEU B 453 -51.63 1.27 3.57
CA LEU B 453 -52.05 1.73 2.26
C LEU B 453 -51.24 1.04 1.15
N VAL B 454 -49.95 0.82 1.38
CA VAL B 454 -49.12 0.20 0.36
C VAL B 454 -49.43 -1.29 0.25
N GLU B 455 -49.65 -1.96 1.38
CA GLU B 455 -50.08 -3.35 1.35
C GLU B 455 -51.37 -3.52 0.55
N GLU B 456 -52.23 -2.50 0.53
CA GLU B 456 -53.50 -2.63 -0.16
C GLU B 456 -53.32 -2.63 -1.67
N TYR B 457 -52.52 -1.70 -2.21
CA TYR B 457 -52.35 -1.69 -3.65
C TYR B 457 -51.38 -2.76 -4.13
N MET B 458 -50.56 -3.32 -3.24
CA MET B 458 -49.73 -4.46 -3.62
C MET B 458 -50.58 -5.70 -3.84
N ASP B 459 -51.59 -5.91 -2.99
CA ASP B 459 -52.49 -7.04 -3.18
C ASP B 459 -53.39 -6.86 -4.38
N TRP B 460 -53.75 -5.61 -4.71
CA TRP B 460 -54.50 -5.38 -5.93
C TRP B 460 -53.65 -5.65 -7.16
N LEU B 461 -52.36 -5.31 -7.09
CA LEU B 461 -51.47 -5.54 -8.24
C LEU B 461 -51.32 -7.04 -8.52
N HIS B 462 -51.18 -7.84 -7.47
CA HIS B 462 -50.99 -9.28 -7.63
C HIS B 462 -52.21 -9.96 -8.25
N GLN B 463 -53.39 -9.36 -8.13
CA GLN B 463 -54.62 -9.96 -8.64
C GLN B 463 -55.19 -9.20 -9.84
N SER B 464 -54.52 -8.15 -10.31
CA SER B 464 -54.96 -7.38 -11.47
C SER B 464 -54.29 -7.91 -12.73
N PRO B 465 -55.01 -7.99 -13.85
CA PRO B 465 -54.43 -8.45 -15.12
C PRO B 465 -53.82 -7.37 -15.99
N VAL B 466 -53.64 -6.16 -15.47
CA VAL B 466 -53.15 -5.03 -16.26
C VAL B 466 -51.72 -5.31 -16.70
N PRO B 467 -51.31 -4.88 -17.89
CA PRO B 467 -49.90 -5.03 -18.28
C PRO B 467 -48.98 -4.28 -17.33
N LYS B 468 -47.83 -4.90 -17.05
CA LYS B 468 -46.84 -4.33 -16.14
C LYS B 468 -45.46 -4.41 -16.76
N LEU B 469 -44.70 -3.33 -16.61
CA LEU B 469 -43.32 -3.24 -17.10
C LEU B 469 -42.45 -2.84 -15.93
N LEU B 470 -41.57 -3.74 -15.50
CA LEU B 470 -40.77 -3.57 -14.30
C LEU B 470 -39.31 -3.37 -14.70
N PHE B 471 -38.77 -2.18 -14.42
CA PHE B 471 -37.37 -1.87 -14.62
C PHE B 471 -36.64 -1.98 -13.28
N TRP B 472 -35.53 -2.70 -13.26
CA TRP B 472 -34.77 -2.89 -12.05
C TRP B 472 -33.28 -2.88 -12.37
N GLY B 473 -32.48 -2.54 -11.35
CA GLY B 473 -31.04 -2.48 -11.50
C GLY B 473 -30.36 -3.02 -10.26
N THR B 474 -29.03 -3.06 -10.32
CA THR B 474 -28.20 -3.57 -9.25
C THR B 474 -27.30 -2.45 -8.73
N PRO B 475 -27.22 -2.24 -7.41
CA PRO B 475 -27.89 -3.03 -6.37
C PRO B 475 -29.32 -2.59 -6.05
N GLY B 476 -29.70 -1.40 -6.51
CA GLY B 476 -31.01 -0.86 -6.19
C GLY B 476 -31.15 -0.45 -4.74
N VAL B 477 -32.13 0.41 -4.45
CA VAL B 477 -32.39 0.90 -3.10
C VAL B 477 -33.72 0.38 -2.58
N LEU B 478 -34.83 0.78 -3.20
CA LEU B 478 -36.14 0.29 -2.79
C LEU B 478 -36.37 -1.15 -3.23
N ILE B 479 -35.92 -1.50 -4.43
CA ILE B 479 -36.16 -2.82 -5.00
C ILE B 479 -34.83 -3.53 -5.21
N PRO B 480 -34.38 -4.34 -4.25
CA PRO B 480 -33.21 -5.17 -4.50
C PRO B 480 -33.51 -6.19 -5.59
N PRO B 481 -32.49 -6.65 -6.31
CA PRO B 481 -32.75 -7.52 -7.47
C PRO B 481 -33.52 -8.78 -7.14
N ALA B 482 -33.36 -9.34 -5.94
CA ALA B 482 -34.08 -10.56 -5.59
C ALA B 482 -35.58 -10.30 -5.49
N GLU B 483 -35.97 -9.16 -4.91
CA GLU B 483 -37.38 -8.80 -4.84
C GLU B 483 -37.94 -8.42 -6.21
N ALA B 484 -37.10 -7.86 -7.08
CA ALA B 484 -37.54 -7.56 -8.44
C ALA B 484 -37.90 -8.82 -9.19
N ALA B 485 -37.03 -9.84 -9.11
CA ALA B 485 -37.31 -11.11 -9.79
C ALA B 485 -38.50 -11.82 -9.17
N ARG B 486 -38.65 -11.72 -7.85
CA ARG B 486 -39.79 -12.34 -7.18
C ARG B 486 -41.10 -11.73 -7.66
N LEU B 487 -41.17 -10.40 -7.73
CA LEU B 487 -42.40 -9.74 -8.14
C LEU B 487 -42.65 -9.89 -9.64
N ALA B 488 -41.59 -9.86 -10.44
CA ALA B 488 -41.76 -10.09 -11.87
C ALA B 488 -42.34 -11.46 -12.15
N LYS B 489 -42.11 -12.41 -11.24
CA LYS B 489 -42.64 -13.76 -11.40
C LYS B 489 -44.08 -13.86 -10.90
N SER B 490 -44.38 -13.18 -9.78
CA SER B 490 -45.69 -13.31 -9.13
C SER B 490 -46.73 -12.33 -9.65
N LEU B 491 -46.31 -11.20 -10.22
CA LEU B 491 -47.29 -10.26 -10.75
C LEU B 491 -47.78 -10.75 -12.11
N PRO B 492 -49.10 -10.81 -12.33
CA PRO B 492 -49.61 -11.28 -13.62
C PRO B 492 -49.37 -10.24 -14.71
N ASN B 493 -49.14 -10.74 -15.91
CA ASN B 493 -49.00 -9.90 -17.10
C ASN B 493 -47.83 -8.93 -16.97
N CYS B 494 -46.76 -9.35 -16.29
CA CYS B 494 -45.63 -8.49 -15.98
C CYS B 494 -44.38 -8.95 -16.74
N LYS B 495 -43.63 -7.98 -17.25
CA LYS B 495 -42.34 -8.22 -17.89
C LYS B 495 -41.27 -7.40 -17.18
N ALA B 496 -40.14 -8.04 -16.90
CA ALA B 496 -39.02 -7.39 -16.22
C ALA B 496 -37.90 -7.06 -17.20
N VAL B 497 -37.24 -5.94 -16.96
CA VAL B 497 -36.14 -5.48 -17.81
C VAL B 497 -34.99 -5.04 -16.90
N ASP B 498 -33.85 -5.69 -17.04
CA ASP B 498 -32.64 -5.30 -16.32
C ASP B 498 -31.98 -4.14 -17.04
N ILE B 499 -31.78 -3.03 -16.32
CA ILE B 499 -31.17 -1.84 -16.90
C ILE B 499 -29.68 -1.74 -16.60
N GLY B 500 -29.13 -2.68 -15.84
CA GLY B 500 -27.72 -2.66 -15.49
C GLY B 500 -27.49 -2.06 -14.12
N PRO B 501 -26.32 -1.44 -13.94
CA PRO B 501 -26.04 -0.80 -12.64
C PRO B 501 -27.02 0.35 -12.39
N GLY B 502 -27.51 0.41 -11.15
CA GLY B 502 -28.46 1.44 -10.76
C GLY B 502 -28.70 1.48 -9.27
N GLU B 503 -29.02 2.67 -8.74
CA GLU B 503 -29.35 2.83 -7.34
C GLU B 503 -30.84 3.09 -7.25
N ASN B 504 -31.28 4.34 -7.12
CA ASN B 504 -32.71 4.66 -7.09
C ASN B 504 -33.20 5.38 -8.33
N LEU B 505 -32.43 6.33 -8.86
CA LEU B 505 -32.82 7.07 -10.06
C LEU B 505 -32.28 6.34 -11.28
N LEU B 506 -32.96 5.26 -11.66
CA LEU B 506 -32.54 4.48 -12.82
C LEU B 506 -32.67 5.29 -14.10
N GLN B 507 -33.55 6.29 -14.12
CA GLN B 507 -33.70 7.14 -15.29
C GLN B 507 -32.45 7.96 -15.57
N GLU B 508 -31.61 8.17 -14.57
CA GLU B 508 -30.35 8.88 -14.75
C GLU B 508 -29.18 7.96 -15.08
N ASP B 509 -29.39 6.64 -15.02
CA ASP B 509 -28.36 5.66 -15.35
C ASP B 509 -28.53 5.07 -16.74
N ASN B 510 -29.74 4.69 -17.11
CA ASN B 510 -30.02 4.10 -18.42
C ASN B 510 -31.34 4.64 -18.95
N PRO B 511 -31.37 5.91 -19.38
CA PRO B 511 -32.61 6.47 -19.93
C PRO B 511 -32.93 5.98 -21.32
N ASP B 512 -31.94 5.54 -22.11
CA ASP B 512 -32.20 5.11 -23.47
C ASP B 512 -32.78 3.71 -23.54
N LEU B 513 -32.45 2.85 -22.58
CA LEU B 513 -33.10 1.54 -22.53
C LEU B 513 -34.49 1.63 -21.92
N ILE B 514 -34.65 2.40 -20.84
CA ILE B 514 -35.97 2.60 -20.26
C ILE B 514 -36.88 3.30 -21.25
N GLY B 515 -36.36 4.28 -21.98
CA GLY B 515 -37.19 5.01 -22.92
C GLY B 515 -37.59 4.15 -24.12
N SER B 516 -36.63 3.41 -24.67
CA SER B 516 -36.92 2.60 -25.85
C SER B 516 -37.81 1.40 -25.52
N GLU B 517 -37.73 0.89 -24.28
CA GLU B 517 -38.55 -0.25 -23.90
C GLU B 517 -40.00 0.15 -23.66
N ILE B 518 -40.22 1.31 -23.04
CA ILE B 518 -41.59 1.77 -22.79
C ILE B 518 -42.33 1.97 -24.10
N ALA B 519 -41.67 2.56 -25.10
CA ALA B 519 -42.31 2.80 -26.39
C ALA B 519 -42.67 1.50 -27.09
N ARG B 520 -41.77 0.52 -27.04
CA ARG B 520 -42.07 -0.79 -27.64
C ARG B 520 -43.20 -1.48 -26.89
N TRP B 521 -43.10 -1.51 -25.55
CA TRP B 521 -44.15 -2.11 -24.73
C TRP B 521 -45.49 -1.39 -24.93
N LEU B 522 -45.46 -0.08 -25.17
CA LEU B 522 -46.70 0.65 -25.44
C LEU B 522 -47.37 0.14 -26.70
N SER B 523 -46.58 -0.15 -27.74
CA SER B 523 -47.15 -0.60 -29.01
C SER B 523 -47.85 -1.94 -28.90
N THR B 524 -47.55 -2.72 -27.86
CA THR B 524 -48.19 -4.02 -27.64
C THR B 524 -49.45 -3.92 -26.80
N LEU B 525 -49.78 -2.74 -26.27
CA LEU B 525 -50.96 -2.56 -25.45
C LEU B 525 -52.18 -2.25 -26.33
N GLU B 526 -53.37 -2.44 -25.75
CA GLU B 526 -54.62 -2.15 -26.44
C GLU B 526 -55.04 -0.73 -26.10
N ILE B 527 -54.44 0.22 -26.81
CA ILE B 527 -54.69 1.64 -26.58
C ILE B 527 -54.85 2.38 -27.90
C1 OEH C . 20.63 -20.87 -1.09
C2 OEH C . 19.69 -18.61 -1.19
C3 OEH C . 18.53 -17.82 -1.23
C4 OEH C . 18.56 -16.50 -0.83
C5 OEH C . 19.75 -15.90 -0.37
C6 OEH C . 19.86 -14.61 0.05
C7 OEH C . 18.65 -13.72 0.16
O1 OEH C . 16.25 -10.35 9.55
O3 OEH C . 17.67 -12.85 -3.28
O5 OEH C . 22.17 -16.23 0.09
N OEH C . 19.65 -19.93 -1.58
C OEH C . 18.40 -20.52 -2.03
O OEH C . 16.01 -9.97 6.68
C10 OEH C . 16.54 -12.41 3.01
C11 OEH C . 15.45 -10.85 4.54
C12 OEH C . 16.54 -10.28 5.39
C13 OEH C . 16.92 -9.28 7.52
C14 OEH C . 16.34 -9.10 8.88
C15 OEH C . 17.33 -10.58 10.43
C16 OEH C . 16.97 -11.63 11.45
C17 OEH C . 15.77 -11.26 12.32
C18 OEH C . 15.55 -12.19 13.50
C19 OEH C . 14.41 -11.77 14.41
C20 OEH C . 14.35 -12.55 15.70
C21 OEH C . 16.34 -12.21 0.51
C22 OEH C . 16.81 -12.46 -0.76
C23 OEH C . 17.97 -13.21 -0.96
C24 OEH C . 18.42 -13.35 -2.39
C25 OEH C . 21.15 -14.07 0.50
C26 OEH C . 21.35 -12.76 0.95
C27 OEH C . 22.59 -12.33 1.38
C28 OEH C . 22.26 -14.92 0.50
C29 OEH C . 23.50 -14.51 0.93
C30 OEH C . 23.69 -13.19 1.39
C31 OEH C . 25.11 -11.42 2.31
C32 OEH C . 25.98 -13.73 2.07
C33 OEH C . 20.95 -16.72 -0.34
C34 OEH C . 20.89 -18.04 -0.75
C8 OEH C . 18.16 -13.46 1.44
C9 OEH C . 17.01 -12.70 1.62
N1 OEH C . 15.93 -11.24 3.22
N2 OEH C . 24.92 -12.78 1.83
O2 OEH C . 16.71 -13.24 3.92
O4 OEH C . 19.48 -13.95 -2.64
CL CL D . 12.63 -15.34 13.84
C1 OEH E . -23.87 20.08 2.88
C2 OEH E . -23.50 17.70 3.30
C3 OEH E . -23.76 16.58 4.12
C4 OEH E . -23.64 15.29 3.65
C5 OEH E . -23.24 15.04 2.32
C6 OEH E . -23.11 13.80 1.74
C7 OEH E . -23.46 12.56 2.52
O1 OEH E . -31.23 6.68 -1.15
O3 OEH E . -20.64 11.91 4.79
O5 OEH E . -22.57 16.07 0.15
N OEH E . -23.63 18.96 3.78
C OEH E . -24.03 19.20 5.16
O OEH E . -28.92 7.31 0.43
C10 OEH E . -26.37 10.15 2.53
C11 OEH E . -27.61 8.07 2.27
C12 OEH E . -27.67 7.88 0.78
C13 OEH E . -28.88 6.55 -0.76
C14 OEH E . -30.15 5.78 -0.92
C15 OEH E . -31.44 6.96 -2.53
C16 OEH E . -32.72 7.72 -2.73
C17 OEH E . -33.95 6.97 -2.24
C18 OEH E . -35.26 7.64 -2.62
C19 OEH E . -36.51 6.88 -2.17
C20 OEH E . -37.78 7.42 -2.76
C21 OEH E . -24.28 10.30 3.92
C22 OEH E . -23.06 10.89 4.21
C23 OEH E . -22.63 12.01 3.51
C24 OEH E . -21.25 12.52 3.87
C25 OEH E . -22.70 13.65 0.35
C26 OEH E . -22.55 12.42 -0.29
C27 OEH E . -22.18 12.35 -1.63
C28 OEH E . -22.44 14.80 -0.40
C29 OEH E . -22.07 14.75 -1.72
C30 OEH E . -21.93 13.51 -2.36
C31 OEH E . -21.47 12.16 -4.36
C32 OEH E . -21.59 14.63 -4.52
C33 OEH E . -22.97 16.20 1.47
C34 OEH E . -23.10 17.47 1.97
C8 OEH E . -24.68 11.95 2.23
C9 OEH E . -25.09 10.81 2.92
N1 OEH E . -26.44 8.83 2.68
N2 OEH E . -21.58 13.44 -3.69
O2 OEH E . -27.31 10.82 2.08
O4 OEH E . -20.77 13.49 3.24
CL CL F . -38.20 9.34 0.49
#